data_5FBZ
#
_entry.id   5FBZ
#
_cell.length_a   58.387
_cell.length_b   151.411
_cell.length_c   64.054
_cell.angle_alpha   90.00
_cell.angle_beta   117.11
_cell.angle_gamma   90.00
#
_symmetry.space_group_name_H-M   'P 1 21 1'
#
loop_
_entity.id
_entity.type
_entity.pdbx_description
1 polymer 'Enzyme subtilase SubHal from Bacillus halmapalus'
2 polymer 'Subtilisin-chymotrypsin inhibitor-2A'
3 polymer 'Autoproteolytic fragment of enzyme subtilase SubHal'
4 non-polymer 'CALCIUM ION'
5 water water
#
loop_
_entity_poly.entity_id
_entity_poly.type
_entity_poly.pdbx_seq_one_letter_code
_entity_poly.pdbx_strand_id
1 'polypeptide(L)'
;(5VV)DVARGIVKADVAQNNFGLYGQGQIVAVADTGLDTGRNDSSMHEAFRGKITALYALGRTNNANDPNGHGTHVAGSV
LGNATNKGMAPQANLVFQSIMDSGGGLGGLPANLQTLFSQAYSAGARIHTNSWGAPVNGAYTTDSRNVDDYVRKNDMTIL
FAAGNEGPGSGTISAPGTAKNAITVGATENLRPSFGSYADNINHVAQFSSRGPTRDGRIKPDVMAPGTYILSARSSLAPD
SSFWANHDSKYAYMGGTSMATPIVAGNVAQLREHFVKNRGVTPKPSLLKAALIAGAADVGLGFPNGNQGWGRVTLDKSLN
VAFVNETSPLSTSQKATYSFTAQAGKPLKISLVWSDAPGSTTASLTLVNDLDLVITAPNGTKYVGNDFTAPYDNNWDGRN
NVENVFINAPQSGTYTVEVQAYNVPVGPQTFSLAIVH
;
A,C
2 'polypeptide(L)' TGAGDRHNLKTEWPELVGKSVEEAKKVILQDKPEAQIIVLPVGTIVTMEYRIDRVRLFVDKLDNIAEVPRVG B,D
3 'polypeptide(L)' KPSLL E
#
loop_
_chem_comp.id
_chem_comp.type
_chem_comp.name
_chem_comp.formula
CA non-polymer 'CALCIUM ION' 'Ca 2'
#
# COMPACT_ATOMS: atom_id res chain seq x y z
N 5VV A 1 -10.90 22.06 -8.49
C9 5VV A 1 -9.68 21.95 -7.88
O10 5VV A 1 -8.67 21.47 -8.52
O11 5VV A 1 -9.53 22.31 -6.66
CA 5VV A 1 -11.10 21.70 -9.93
CB 5VV A 1 -12.45 22.20 -10.42
CG 5VV A 1 -13.64 21.50 -9.76
ND2 5VV A 1 -14.89 22.18 -9.83
OD1 5VV A 1 -13.50 20.27 -9.17
C 5VV A 1 -10.02 22.25 -10.86
O 5VV A 1 -9.56 21.54 -11.74
N ASP A 2 -9.62 23.51 -10.68
CA ASP A 2 -8.65 24.11 -11.60
C ASP A 2 -7.31 23.38 -11.55
N VAL A 3 -6.94 22.84 -10.39
CA VAL A 3 -5.69 22.13 -10.24
C VAL A 3 -5.85 20.69 -10.77
N ALA A 4 -6.97 20.06 -10.42
CA ALA A 4 -7.27 18.72 -10.92
C ALA A 4 -7.31 18.62 -12.44
N ARG A 5 -7.87 19.66 -13.06
CA ARG A 5 -7.96 19.77 -14.52
C ARG A 5 -6.61 19.54 -15.20
N GLY A 6 -5.58 20.17 -14.65
CA GLY A 6 -4.22 19.99 -15.17
C GLY A 6 -3.67 18.60 -14.85
N ILE A 7 -3.97 18.10 -13.66
CA ILE A 7 -3.45 16.79 -13.24
C ILE A 7 -3.92 15.67 -14.20
N VAL A 8 -5.21 15.68 -14.52
CA VAL A 8 -5.81 14.62 -15.37
C VAL A 8 -5.78 14.93 -16.88
N LYS A 9 -5.16 16.05 -17.24
CA LYS A 9 -4.97 16.47 -18.63
C LYS A 9 -6.27 16.85 -19.33
N ALA A 10 -7.26 17.27 -18.54
CA ALA A 10 -8.48 17.85 -19.09
C ALA A 10 -8.15 19.18 -19.79
N ASP A 11 -7.09 19.86 -19.34
CA ASP A 11 -6.64 21.11 -19.98
C ASP A 11 -6.09 20.84 -21.40
N VAL A 12 -5.37 19.74 -21.55
CA VAL A 12 -4.85 19.33 -22.86
C VAL A 12 -6.03 18.98 -23.78
N ALA A 13 -6.98 18.20 -23.28
CA ALA A 13 -8.17 17.84 -24.06
C ALA A 13 -8.94 19.07 -24.55
N GLN A 14 -9.14 20.02 -23.63
CA GLN A 14 -9.77 21.31 -23.97
C GLN A 14 -8.93 22.17 -24.93
N ASN A 15 -7.70 22.47 -24.54
CA ASN A 15 -6.88 23.42 -25.30
C ASN A 15 -6.45 22.89 -26.65
N ASN A 16 -5.98 21.64 -26.70
CA ASN A 16 -5.45 21.06 -27.94
C ASN A 16 -6.47 20.28 -28.76
N PHE A 17 -7.54 19.77 -28.14
CA PHE A 17 -8.55 19.04 -28.91
C PHE A 17 -9.90 19.69 -28.98
N GLY A 18 -10.09 20.82 -28.29
CA GLY A 18 -11.39 21.48 -28.29
C GLY A 18 -12.50 20.75 -27.53
N LEU A 19 -12.14 19.88 -26.58
CA LEU A 19 -13.15 19.00 -25.90
C LEU A 19 -13.61 19.56 -24.56
N TYR A 20 -14.78 20.18 -24.54
CA TYR A 20 -15.36 20.67 -23.32
C TYR A 20 -16.62 19.91 -22.92
N GLY A 21 -16.98 18.85 -23.66
CA GLY A 21 -18.21 18.11 -23.38
C GLY A 21 -19.48 18.59 -24.07
N GLN A 22 -19.35 19.53 -25.01
CA GLN A 22 -20.51 20.02 -25.75
C GLN A 22 -21.20 18.86 -26.45
N GLY A 23 -22.50 18.78 -26.24
CA GLY A 23 -23.37 17.75 -26.91
C GLY A 23 -23.57 16.54 -26.01
N GLN A 24 -22.80 16.47 -24.92
CA GLN A 24 -22.97 15.37 -23.96
C GLN A 24 -23.88 15.76 -22.78
N ILE A 25 -24.53 14.76 -22.19
CA ILE A 25 -25.43 14.97 -21.06
C ILE A 25 -24.99 13.99 -19.98
N VAL A 26 -24.57 14.53 -18.84
CA VAL A 26 -24.17 13.75 -17.68
C VAL A 26 -25.26 13.85 -16.63
N ALA A 27 -25.65 12.71 -16.10
CA ALA A 27 -26.56 12.64 -14.96
C ALA A 27 -25.72 12.47 -13.70
N VAL A 28 -26.08 13.24 -12.68
CA VAL A 28 -25.52 13.13 -11.36
C VAL A 28 -26.67 12.79 -10.39
N ALA A 29 -26.56 11.70 -9.67
CA ALA A 29 -27.53 11.37 -8.62
C ALA A 29 -26.88 11.66 -7.28
N ASP A 30 -27.40 12.69 -6.60
CA ASP A 30 -26.75 13.18 -5.39
C ASP A 30 -27.74 14.01 -4.56
N THR A 31 -27.26 14.69 -3.52
CA THR A 31 -28.15 15.22 -2.48
C THR A 31 -29.22 16.10 -3.09
N GLY A 32 -28.76 17.16 -3.75
CA GLY A 32 -29.58 18.20 -4.29
C GLY A 32 -28.67 19.16 -5.03
N LEU A 33 -29.27 20.14 -5.68
CA LEU A 33 -28.55 21.11 -6.49
C LEU A 33 -28.93 22.56 -6.15
N ASP A 34 -28.07 23.22 -5.37
CA ASP A 34 -28.25 24.60 -4.94
C ASP A 34 -29.71 24.88 -4.52
N THR A 35 -30.37 25.86 -5.17
CA THR A 35 -31.74 26.28 -4.84
C THR A 35 -32.80 25.26 -5.21
N GLY A 36 -32.46 24.26 -6.04
CA GLY A 36 -33.44 23.27 -6.41
C GLY A 36 -34.41 23.74 -7.45
N ARG A 37 -34.12 24.87 -8.09
CA ARG A 37 -35.01 25.43 -9.09
C ARG A 37 -34.21 25.73 -10.34
N ASN A 38 -34.72 25.25 -11.48
CA ASN A 38 -34.06 25.44 -12.72
C ASN A 38 -34.53 26.74 -13.33
N ASP A 39 -33.99 27.82 -12.78
CA ASP A 39 -34.39 29.17 -13.16
C ASP A 39 -33.23 30.11 -12.90
N SER A 40 -33.51 31.41 -12.90
CA SER A 40 -32.48 32.41 -12.74
C SER A 40 -31.88 32.40 -11.32
N SER A 41 -32.51 31.73 -10.37
CA SER A 41 -31.99 31.66 -9.00
C SER A 41 -30.79 30.69 -8.87
N MET A 42 -30.65 29.79 -9.85
CA MET A 42 -29.64 28.75 -9.79
C MET A 42 -28.21 29.28 -9.80
N HIS A 43 -27.37 28.68 -8.97
CA HIS A 43 -25.93 28.89 -8.99
C HIS A 43 -25.38 29.03 -10.41
N GLU A 44 -24.54 30.05 -10.60
CA GLU A 44 -23.93 30.41 -11.88
C GLU A 44 -23.25 29.24 -12.61
N ALA A 45 -22.70 28.29 -11.85
CA ALA A 45 -22.05 27.11 -12.43
C ALA A 45 -22.96 26.26 -13.31
N PHE A 46 -24.27 26.27 -13.00
CA PHE A 46 -25.26 25.42 -13.69
C PHE A 46 -26.40 26.16 -14.41
N ARG A 47 -26.55 27.46 -14.17
CA ARG A 47 -27.68 28.21 -14.72
C ARG A 47 -27.69 28.09 -16.23
N GLY A 48 -28.82 27.71 -16.80
CA GLY A 48 -28.97 27.62 -18.27
C GLY A 48 -28.44 26.31 -18.88
N LYS A 49 -27.90 25.40 -18.08
CA LYS A 49 -27.35 24.14 -18.64
C LYS A 49 -27.95 22.88 -18.03
N ILE A 50 -29.12 23.03 -17.39
CA ILE A 50 -29.83 21.94 -16.75
C ILE A 50 -30.91 21.37 -17.67
N THR A 51 -30.65 20.16 -18.18
CA THR A 51 -31.61 19.44 -19.00
C THR A 51 -32.80 19.00 -18.17
N ALA A 52 -32.54 18.53 -16.95
CA ALA A 52 -33.61 18.05 -16.10
C ALA A 52 -33.14 18.09 -14.66
N LEU A 53 -34.05 18.46 -13.76
CA LEU A 53 -33.78 18.54 -12.35
C LEU A 53 -34.92 17.83 -11.65
N TYR A 54 -34.66 16.60 -11.19
CA TYR A 54 -35.69 15.73 -10.59
C TYR A 54 -35.55 15.62 -9.10
N ALA A 55 -36.68 15.69 -8.40
CA ALA A 55 -36.71 15.50 -6.96
C ALA A 55 -37.21 14.09 -6.64
N LEU A 56 -36.32 13.21 -6.18
CA LEU A 56 -36.70 11.86 -5.86
C LEU A 56 -36.86 11.64 -4.36
N GLY A 57 -36.08 12.31 -3.55
CA GLY A 57 -36.03 12.02 -2.14
C GLY A 57 -37.03 12.82 -1.34
N ARG A 58 -37.32 14.04 -1.79
CA ARG A 58 -38.24 14.95 -1.07
C ARG A 58 -39.18 15.52 -2.09
N THR A 59 -40.46 15.31 -1.86
CA THR A 59 -41.46 15.76 -2.82
C THR A 59 -41.32 17.23 -3.15
N ASN A 60 -41.12 17.48 -4.43
CA ASN A 60 -40.97 18.81 -5.00
C ASN A 60 -39.83 19.63 -4.41
N ASN A 61 -38.82 18.97 -3.88
CA ASN A 61 -37.69 19.68 -3.31
C ASN A 61 -36.38 19.03 -3.74
N ALA A 62 -35.67 19.69 -4.66
CA ALA A 62 -34.38 19.23 -5.12
C ALA A 62 -33.23 20.13 -4.63
N ASN A 63 -33.46 20.94 -3.58
CA ASN A 63 -32.45 21.87 -3.13
C ASN A 63 -31.38 21.14 -2.30
N ASP A 64 -30.29 21.84 -1.97
CA ASP A 64 -29.10 21.21 -1.42
C ASP A 64 -28.65 21.94 -0.16
N PRO A 65 -29.26 21.59 0.98
CA PRO A 65 -28.86 22.18 2.24
C PRO A 65 -27.55 21.64 2.76
N ASN A 66 -27.15 20.47 2.25
CA ASN A 66 -25.95 19.78 2.65
C ASN A 66 -24.74 20.38 1.93
N GLY A 67 -24.81 20.46 0.61
CA GLY A 67 -23.73 21.02 -0.20
C GLY A 67 -22.99 19.97 -1.03
N HIS A 68 -23.15 18.70 -0.67
CA HIS A 68 -22.42 17.59 -1.32
C HIS A 68 -22.70 17.55 -2.82
N GLY A 69 -23.96 17.45 -3.18
CA GLY A 69 -24.35 17.31 -4.58
C GLY A 69 -24.01 18.45 -5.48
N THR A 70 -24.08 19.67 -4.93
CA THR A 70 -23.76 20.84 -5.70
C THR A 70 -22.27 20.87 -5.99
N HIS A 71 -21.46 20.47 -5.01
CA HIS A 71 -20.02 20.46 -5.17
C HIS A 71 -19.62 19.40 -6.24
N VAL A 72 -20.21 18.23 -6.12
CA VAL A 72 -19.99 17.13 -7.03
C VAL A 72 -20.35 17.51 -8.48
N ALA A 73 -21.57 18.02 -8.66
CA ALA A 73 -22.01 18.42 -9.99
C ALA A 73 -21.08 19.53 -10.56
N GLY A 74 -20.57 20.40 -9.70
CA GLY A 74 -19.65 21.46 -10.16
C GLY A 74 -18.38 20.86 -10.78
N SER A 75 -17.90 19.76 -10.20
CA SER A 75 -16.68 19.10 -10.68
C SER A 75 -16.86 18.41 -12.01
N VAL A 76 -18.06 17.93 -12.27
CA VAL A 76 -18.37 17.34 -13.58
C VAL A 76 -18.37 18.40 -14.67
N LEU A 77 -19.15 19.47 -14.44
CA LEU A 77 -19.52 20.32 -15.57
C LEU A 77 -19.85 21.78 -15.26
N GLY A 78 -19.46 22.27 -14.08
CA GLY A 78 -19.70 23.68 -13.73
C GLY A 78 -19.07 24.59 -14.75
N ASN A 79 -19.82 25.61 -15.20
CA ASN A 79 -19.32 26.49 -16.27
C ASN A 79 -19.19 27.96 -15.87
N ALA A 80 -18.90 28.26 -14.60
CA ALA A 80 -18.64 29.65 -14.20
C ALA A 80 -17.13 29.80 -13.98
N THR A 81 -16.68 29.92 -12.74
CA THR A 81 -15.26 29.76 -12.45
C THR A 81 -15.03 28.47 -11.68
N ASN A 82 -13.78 28.10 -11.42
CA ASN A 82 -13.48 26.77 -10.88
C ASN A 82 -14.30 25.69 -11.62
N LYS A 83 -14.20 25.72 -12.95
CA LYS A 83 -15.08 24.95 -13.81
C LYS A 83 -14.88 23.43 -13.61
N GLY A 84 -15.95 22.68 -13.89
CA GLY A 84 -15.88 21.25 -14.05
C GLY A 84 -15.07 20.81 -15.26
N MET A 85 -14.80 19.52 -15.38
CA MET A 85 -13.91 19.01 -16.46
C MET A 85 -14.57 19.10 -17.85
N ALA A 86 -15.89 19.06 -17.89
CA ALA A 86 -16.64 19.14 -19.16
C ALA A 86 -17.67 20.26 -19.04
N PRO A 87 -17.19 21.51 -19.03
CA PRO A 87 -18.08 22.63 -18.68
C PRO A 87 -19.13 23.00 -19.73
N GLN A 88 -19.10 22.35 -20.88
CA GLN A 88 -20.12 22.59 -21.91
C GLN A 88 -21.08 21.43 -22.04
N ALA A 89 -20.90 20.39 -21.25
CA ALA A 89 -21.93 19.35 -21.13
C ALA A 89 -23.14 19.87 -20.37
N ASN A 90 -24.30 19.34 -20.69
CA ASN A 90 -25.51 19.63 -19.93
C ASN A 90 -25.75 18.61 -18.82
N LEU A 91 -26.52 19.02 -17.81
CA LEU A 91 -26.74 18.26 -16.59
C LEU A 91 -28.15 17.69 -16.46
N VAL A 92 -28.22 16.42 -16.10
CA VAL A 92 -29.43 15.84 -15.54
C VAL A 92 -29.13 15.59 -14.07
N PHE A 93 -29.91 16.20 -13.17
CA PHE A 93 -29.65 16.03 -11.73
C PHE A 93 -30.84 15.34 -11.03
N GLN A 94 -30.54 14.24 -10.35
CA GLN A 94 -31.53 13.48 -9.60
C GLN A 94 -31.18 13.68 -8.15
N SER A 95 -32.00 14.52 -7.49
CA SER A 95 -31.92 14.78 -6.06
C SER A 95 -32.45 13.63 -5.24
N ILE A 96 -31.56 12.91 -4.55
CA ILE A 96 -31.92 11.67 -3.85
C ILE A 96 -31.91 11.83 -2.33
N MET A 97 -31.61 13.02 -1.83
CA MET A 97 -31.62 13.22 -0.38
C MET A 97 -33.08 13.21 0.11
N ASP A 98 -33.33 12.44 1.17
CA ASP A 98 -34.66 12.30 1.79
C ASP A 98 -34.82 13.36 2.88
N SER A 99 -35.97 13.38 3.55
CA SER A 99 -36.24 14.43 4.53
CA SER A 99 -36.28 14.39 4.56
C SER A 99 -35.56 14.10 5.86
N GLY A 100 -35.01 12.89 5.99
CA GLY A 100 -34.19 12.53 7.14
C GLY A 100 -32.68 12.73 6.96
N GLY A 101 -32.26 13.44 5.92
CA GLY A 101 -30.82 13.71 5.74
C GLY A 101 -30.02 12.66 4.99
N GLY A 102 -30.56 11.45 4.83
CA GLY A 102 -29.90 10.39 4.05
C GLY A 102 -30.26 10.35 2.56
N LEU A 103 -29.96 9.24 1.91
CA LEU A 103 -30.11 9.10 0.46
C LEU A 103 -31.27 8.16 0.12
N GLY A 104 -32.32 8.24 0.94
CA GLY A 104 -33.48 7.38 0.80
C GLY A 104 -34.27 7.63 -0.46
N GLY A 105 -33.98 8.70 -1.18
CA GLY A 105 -34.59 8.87 -2.50
C GLY A 105 -34.11 7.87 -3.55
N LEU A 106 -33.03 7.17 -3.27
CA LEU A 106 -32.63 6.08 -4.18
C LEU A 106 -33.75 5.03 -4.22
N PRO A 107 -34.15 4.58 -5.40
CA PRO A 107 -35.14 3.48 -5.49
C PRO A 107 -34.56 2.11 -5.14
N ALA A 108 -35.40 1.21 -4.65
CA ALA A 108 -35.00 -0.12 -4.30
C ALA A 108 -34.26 -0.81 -5.45
N ASN A 109 -34.78 -0.69 -6.66
CA ASN A 109 -34.11 -1.17 -7.88
C ASN A 109 -33.41 -0.01 -8.58
N LEU A 110 -32.08 0.02 -8.52
CA LEU A 110 -31.37 1.13 -9.13
C LEU A 110 -31.59 1.28 -10.62
N GLN A 111 -32.01 0.23 -11.31
CA GLN A 111 -32.29 0.38 -12.73
C GLN A 111 -33.33 1.47 -12.98
N THR A 112 -34.22 1.69 -12.01
CA THR A 112 -35.21 2.77 -12.09
C THR A 112 -34.53 4.15 -12.15
N LEU A 113 -33.51 4.33 -11.33
CA LEU A 113 -32.75 5.58 -11.31
C LEU A 113 -32.07 5.80 -12.67
N PHE A 114 -31.40 4.76 -13.14
CA PHE A 114 -30.68 4.91 -14.40
C PHE A 114 -31.64 5.12 -15.57
N SER A 115 -32.80 4.46 -15.54
CA SER A 115 -33.74 4.57 -16.67
C SER A 115 -34.29 5.99 -16.78
N GLN A 116 -34.59 6.63 -15.64
CA GLN A 116 -35.09 8.02 -15.65
C GLN A 116 -34.08 8.98 -16.27
N ALA A 117 -32.81 8.81 -15.92
CA ALA A 117 -31.73 9.63 -16.46
C ALA A 117 -31.53 9.39 -17.96
N TYR A 118 -31.58 8.12 -18.36
CA TYR A 118 -31.43 7.71 -19.76
C TYR A 118 -32.52 8.35 -20.63
N SER A 119 -33.75 8.30 -20.14
CA SER A 119 -34.88 8.88 -20.87
C SER A 119 -34.72 10.39 -21.09
N ALA A 120 -34.08 11.07 -20.15
CA ALA A 120 -33.82 12.52 -20.26
C ALA A 120 -32.63 12.84 -21.18
N GLY A 121 -31.95 11.81 -21.69
CA GLY A 121 -30.86 12.00 -22.64
C GLY A 121 -29.46 11.75 -22.07
N ALA A 122 -29.34 11.45 -20.79
CA ALA A 122 -27.99 11.24 -20.20
C ALA A 122 -27.38 9.95 -20.73
N ARG A 123 -26.12 9.97 -21.11
CA ARG A 123 -25.43 8.71 -21.46
C ARG A 123 -24.25 8.43 -20.54
N ILE A 124 -24.07 9.30 -19.55
CA ILE A 124 -23.09 9.08 -18.50
C ILE A 124 -23.81 9.34 -17.19
N HIS A 125 -23.52 8.54 -16.17
CA HIS A 125 -24.25 8.62 -14.92
C HIS A 125 -23.28 8.45 -13.78
N THR A 126 -23.19 9.45 -12.90
CA THR A 126 -22.14 9.45 -11.87
C THR A 126 -22.70 9.54 -10.45
N ASN A 127 -22.07 8.79 -9.55
CA ASN A 127 -22.63 8.45 -8.23
C ASN A 127 -21.57 8.47 -7.15
N SER A 128 -21.55 9.56 -6.40
CA SER A 128 -20.60 9.79 -5.30
C SER A 128 -21.24 9.32 -3.99
N TRP A 129 -21.56 8.03 -3.96
CA TRP A 129 -22.19 7.38 -2.80
C TRP A 129 -21.99 5.89 -2.80
N GLY A 130 -22.30 5.29 -1.66
CA GLY A 130 -22.20 3.85 -1.52
C GLY A 130 -22.46 3.39 -0.11
N ALA A 131 -22.72 2.10 0.03
CA ALA A 131 -22.78 1.42 1.32
C ALA A 131 -21.43 0.77 1.57
N PRO A 132 -20.81 1.06 2.73
CA PRO A 132 -19.49 0.49 3.04
C PRO A 132 -19.54 -0.97 3.49
N VAL A 133 -19.71 -1.85 2.52
CA VAL A 133 -19.88 -3.28 2.75
C VAL A 133 -18.63 -4.12 2.43
N ASN A 134 -17.46 -3.50 2.40
CA ASN A 134 -16.20 -4.23 2.32
C ASN A 134 -16.11 -5.24 1.18
N GLY A 135 -16.31 -4.76 -0.04
CA GLY A 135 -16.10 -5.58 -1.20
C GLY A 135 -17.22 -6.47 -1.61
N ALA A 136 -18.35 -6.43 -0.91
CA ALA A 136 -19.46 -7.30 -1.28
C ALA A 136 -20.12 -6.82 -2.57
N TYR A 137 -20.61 -7.81 -3.31
CA TYR A 137 -21.37 -7.63 -4.52
C TYR A 137 -22.85 -7.80 -4.13
N THR A 138 -23.53 -6.67 -4.00
CA THR A 138 -24.85 -6.62 -3.44
C THR A 138 -25.84 -6.55 -4.60
N THR A 139 -27.13 -6.63 -4.28
CA THR A 139 -28.20 -6.47 -5.25
C THR A 139 -28.04 -5.15 -6.01
N ASP A 140 -27.62 -4.09 -5.34
CA ASP A 140 -27.37 -2.84 -6.05
C ASP A 140 -26.25 -3.00 -7.10
N SER A 141 -25.14 -3.62 -6.75
CA SER A 141 -24.07 -3.92 -7.70
C SER A 141 -24.58 -4.71 -8.91
N ARG A 142 -25.41 -5.71 -8.65
CA ARG A 142 -26.01 -6.56 -9.68
C ARG A 142 -26.91 -5.77 -10.62
N ASN A 143 -27.77 -4.91 -10.05
CA ASN A 143 -28.61 -4.03 -10.89
C ASN A 143 -27.84 -3.03 -11.78
N VAL A 144 -26.76 -2.45 -11.25
CA VAL A 144 -25.86 -1.64 -12.07
C VAL A 144 -25.33 -2.47 -13.26
N ASP A 145 -24.89 -3.70 -12.98
CA ASP A 145 -24.29 -4.53 -14.03
C ASP A 145 -25.27 -4.93 -15.09
N ASP A 146 -26.46 -5.33 -14.65
CA ASP A 146 -27.54 -5.65 -15.56
C ASP A 146 -27.89 -4.44 -16.42
N TYR A 147 -28.05 -3.28 -15.80
CA TYR A 147 -28.36 -2.07 -16.56
C TYR A 147 -27.33 -1.71 -17.66
N VAL A 148 -26.06 -1.71 -17.29
CA VAL A 148 -24.99 -1.35 -18.23
C VAL A 148 -24.91 -2.36 -19.39
N ARG A 149 -25.12 -3.63 -19.11
CA ARG A 149 -25.09 -4.58 -20.19
C ARG A 149 -26.26 -4.37 -21.14
N LYS A 150 -27.39 -3.87 -20.64
CA LYS A 150 -28.58 -3.71 -21.48
C LYS A 150 -28.62 -2.35 -22.21
N ASN A 151 -27.87 -1.36 -21.73
CA ASN A 151 -28.04 0.01 -22.20
C ASN A 151 -26.69 0.68 -22.35
N ASP A 152 -26.55 1.56 -23.32
CA ASP A 152 -25.27 2.22 -23.48
C ASP A 152 -25.15 3.47 -22.56
N MET A 153 -25.12 3.19 -21.26
CA MET A 153 -24.93 4.19 -20.25
C MET A 153 -23.63 3.87 -19.52
N THR A 154 -22.74 4.84 -19.44
CA THR A 154 -21.50 4.68 -18.65
C THR A 154 -21.78 5.13 -17.24
N ILE A 155 -21.58 4.24 -16.28
CA ILE A 155 -21.96 4.51 -14.90
C ILE A 155 -20.70 4.52 -14.03
N LEU A 156 -20.53 5.56 -13.22
CA LEU A 156 -19.34 5.70 -12.37
C LEU A 156 -19.75 5.72 -10.91
N PHE A 157 -18.95 5.07 -10.06
CA PHE A 157 -19.18 5.04 -8.62
C PHE A 157 -17.88 5.37 -7.89
N ALA A 158 -18.01 6.15 -6.82
CA ALA A 158 -16.97 6.31 -5.82
C ALA A 158 -16.56 4.95 -5.26
N ALA A 159 -15.26 4.75 -5.03
CA ALA A 159 -14.75 3.49 -4.47
C ALA A 159 -15.07 3.30 -3.00
N GLY A 160 -15.32 4.40 -2.30
CA GLY A 160 -15.54 4.40 -0.85
C GLY A 160 -14.38 5.06 -0.14
N ASN A 161 -14.60 5.46 1.11
CA ASN A 161 -13.60 6.12 1.92
C ASN A 161 -13.25 5.26 3.13
N GLU A 162 -13.12 3.96 2.95
CA GLU A 162 -12.93 3.04 4.05
C GLU A 162 -11.50 2.46 4.14
N GLY A 163 -10.54 3.07 3.44
CA GLY A 163 -9.14 2.62 3.48
C GLY A 163 -8.37 3.13 4.70
N PRO A 164 -7.07 2.82 4.80
CA PRO A 164 -6.21 2.17 3.79
C PRO A 164 -6.22 0.64 3.76
N GLY A 165 -7.07 0.00 4.54
CA GLY A 165 -7.10 -1.45 4.60
C GLY A 165 -7.63 -2.08 3.34
N SER A 166 -7.15 -3.29 3.06
CA SER A 166 -7.54 -3.99 1.84
C SER A 166 -8.99 -4.47 1.94
N GLY A 167 -9.67 -4.60 0.80
CA GLY A 167 -11.01 -5.18 0.76
C GLY A 167 -12.07 -4.23 1.30
N THR A 168 -11.88 -2.92 1.12
CA THR A 168 -12.79 -1.91 1.69
C THR A 168 -13.67 -1.17 0.67
N ILE A 169 -13.80 -1.73 -0.53
CA ILE A 169 -14.59 -1.11 -1.59
C ILE A 169 -16.08 -1.09 -1.24
N SER A 170 -16.71 0.06 -1.41
CA SER A 170 -18.13 0.17 -1.17
C SER A 170 -18.96 -0.32 -2.36
N ALA A 171 -20.22 -0.66 -2.10
CA ALA A 171 -21.19 -1.02 -3.13
C ALA A 171 -22.11 0.16 -3.41
N PRO A 172 -22.44 0.42 -4.68
CA PRO A 172 -22.19 -0.34 -5.92
C PRO A 172 -20.85 -0.12 -6.63
N GLY A 173 -19.88 0.49 -5.97
CA GLY A 173 -18.48 0.53 -6.42
C GLY A 173 -17.87 -0.84 -6.74
N THR A 174 -18.43 -1.88 -6.14
CA THR A 174 -18.03 -3.28 -6.42
C THR A 174 -18.61 -3.85 -7.71
N ALA A 175 -19.57 -3.14 -8.33
CA ALA A 175 -20.11 -3.59 -9.61
C ALA A 175 -19.01 -3.82 -10.65
N LYS A 176 -19.14 -4.87 -11.43
CA LYS A 176 -18.14 -5.18 -12.48
C LYS A 176 -18.15 -4.16 -13.65
N ASN A 177 -19.33 -3.67 -13.98
CA ASN A 177 -19.54 -2.88 -15.20
C ASN A 177 -19.52 -1.36 -15.02
N ALA A 178 -19.42 -0.92 -13.77
CA ALA A 178 -19.18 0.49 -13.43
C ALA A 178 -17.70 0.81 -13.59
N ILE A 179 -17.42 2.08 -13.83
CA ILE A 179 -16.09 2.63 -13.63
C ILE A 179 -16.04 3.09 -12.16
N THR A 180 -15.21 2.42 -11.37
CA THR A 180 -15.06 2.72 -9.96
C THR A 180 -13.83 3.60 -9.73
N VAL A 181 -14.03 4.74 -9.05
CA VAL A 181 -13.00 5.75 -8.93
C VAL A 181 -12.51 5.94 -7.49
N GLY A 182 -11.19 5.84 -7.31
CA GLY A 182 -10.56 6.13 -6.03
C GLY A 182 -9.91 7.52 -6.05
N ALA A 183 -9.42 7.97 -4.90
CA ALA A 183 -8.88 9.29 -4.78
C ALA A 183 -7.36 9.31 -4.59
N THR A 184 -6.68 10.04 -5.49
CA THR A 184 -5.32 10.51 -5.23
C THR A 184 -5.47 11.91 -4.66
N GLU A 185 -4.35 12.56 -4.36
CA GLU A 185 -4.34 13.90 -3.80
C GLU A 185 -4.32 14.98 -4.88
N ASN A 186 -5.03 16.06 -4.62
CA ASN A 186 -4.87 17.28 -5.40
C ASN A 186 -3.58 17.95 -4.92
N LEU A 187 -3.06 18.86 -5.71
CA LEU A 187 -1.82 19.53 -5.33
C LEU A 187 -2.18 20.95 -4.87
N ARG A 188 -2.49 21.05 -3.59
CA ARG A 188 -2.74 22.36 -2.94
C ARG A 188 -1.97 22.30 -1.62
N PRO A 189 -0.63 22.33 -1.70
CA PRO A 189 0.19 21.95 -0.54
C PRO A 189 0.09 22.88 0.68
N SER A 190 -0.41 24.10 0.50
CA SER A 190 -0.63 25.01 1.64
C SER A 190 -1.59 24.37 2.63
N PHE A 191 -2.39 23.40 2.17
CA PHE A 191 -3.26 22.68 3.08
C PHE A 191 -2.60 21.50 3.82
N GLY A 192 -1.33 21.20 3.54
CA GLY A 192 -0.63 20.12 4.24
C GLY A 192 -0.69 18.74 3.59
N SER A 193 -0.66 17.72 4.43
CA SER A 193 -0.34 16.36 4.01
C SER A 193 -1.41 15.69 3.11
N TYR A 194 -2.67 16.14 3.18
CA TYR A 194 -3.72 15.60 2.28
C TYR A 194 -3.72 16.13 0.82
N ALA A 195 -2.90 17.14 0.52
CA ALA A 195 -2.86 17.75 -0.81
C ALA A 195 -1.46 18.19 -1.25
N ASP A 196 -0.49 17.29 -1.05
CA ASP A 196 0.92 17.60 -1.27
C ASP A 196 1.69 16.76 -2.30
N ASN A 197 1.06 15.71 -2.84
CA ASN A 197 1.72 14.89 -3.83
C ASN A 197 0.66 14.21 -4.71
N ILE A 198 0.71 14.49 -6.00
CA ILE A 198 -0.33 14.02 -6.94
C ILE A 198 -0.26 12.49 -7.14
N ASN A 199 0.87 11.89 -6.74
CA ASN A 199 1.02 10.45 -6.76
C ASN A 199 0.52 9.75 -5.52
N HIS A 200 0.25 10.48 -4.45
CA HIS A 200 -0.19 9.86 -3.22
C HIS A 200 -1.65 9.45 -3.36
N VAL A 201 -1.95 8.21 -2.99
CA VAL A 201 -3.32 7.76 -2.83
C VAL A 201 -3.84 8.33 -1.51
N ALA A 202 -5.04 8.93 -1.51
CA ALA A 202 -5.55 9.50 -0.28
C ALA A 202 -5.68 8.40 0.76
N GLN A 203 -5.26 8.67 1.99
CA GLN A 203 -5.28 7.63 3.02
C GLN A 203 -6.66 6.98 3.19
N PHE A 204 -7.74 7.74 3.10
CA PHE A 204 -9.11 7.19 3.29
C PHE A 204 -9.59 6.38 2.05
N SER A 205 -8.93 6.47 0.89
CA SER A 205 -9.48 5.87 -0.35
C SER A 205 -9.66 4.36 -0.19
N SER A 206 -10.83 3.83 -0.50
CA SER A 206 -11.03 2.37 -0.32
C SER A 206 -10.09 1.59 -1.24
N ARG A 207 -9.69 0.42 -0.78
CA ARG A 207 -8.71 -0.41 -1.46
C ARG A 207 -9.32 -1.74 -1.85
N GLY A 208 -8.92 -2.23 -3.02
CA GLY A 208 -9.27 -3.57 -3.45
C GLY A 208 -8.51 -4.62 -2.66
N PRO A 209 -8.66 -5.89 -3.02
CA PRO A 209 -9.57 -6.35 -4.05
C PRO A 209 -11.01 -6.39 -3.54
N THR A 210 -11.94 -6.69 -4.41
CA THR A 210 -13.29 -6.95 -4.01
C THR A 210 -13.31 -8.32 -3.27
N ARG A 211 -14.47 -8.67 -2.74
CA ARG A 211 -14.61 -9.91 -1.95
C ARG A 211 -14.21 -11.12 -2.78
N ASP A 212 -14.57 -11.13 -4.08
CA ASP A 212 -14.19 -12.23 -4.98
C ASP A 212 -12.84 -12.02 -5.68
N GLY A 213 -12.06 -11.06 -5.18
CA GLY A 213 -10.67 -10.90 -5.58
C GLY A 213 -10.45 -10.08 -6.84
N ARG A 214 -11.45 -9.31 -7.28
CA ARG A 214 -11.28 -8.47 -8.46
C ARG A 214 -10.52 -7.21 -8.12
N ILE A 215 -9.83 -6.64 -9.11
CA ILE A 215 -9.16 -5.35 -8.96
C ILE A 215 -10.20 -4.23 -9.00
N LYS A 216 -10.32 -3.53 -7.89
CA LYS A 216 -11.00 -2.23 -7.78
C LYS A 216 -10.14 -1.37 -6.85
N PRO A 217 -10.22 -0.03 -7.01
CA PRO A 217 -10.98 0.69 -8.02
C PRO A 217 -10.38 0.50 -9.39
N ASP A 218 -11.06 1.05 -10.40
CA ASP A 218 -10.53 0.93 -11.76
C ASP A 218 -9.49 2.00 -12.07
N VAL A 219 -9.81 3.25 -11.71
CA VAL A 219 -8.94 4.39 -11.95
C VAL A 219 -9.04 5.37 -10.79
N MET A 220 -8.11 6.32 -10.79
CA MET A 220 -7.96 7.31 -9.74
C MET A 220 -8.05 8.71 -10.32
N ALA A 221 -8.52 9.63 -9.50
CA ALA A 221 -8.40 11.04 -9.78
C ALA A 221 -8.24 11.85 -8.49
N PRO A 222 -7.77 13.08 -8.61
CA PRO A 222 -7.63 13.91 -7.42
C PRO A 222 -8.95 14.04 -6.68
N GLY A 223 -8.88 13.90 -5.35
CA GLY A 223 -10.06 13.90 -4.50
C GLY A 223 -9.84 14.52 -3.14
N THR A 224 -8.81 15.35 -2.98
CA THR A 224 -8.61 16.08 -1.75
C THR A 224 -8.56 17.56 -2.08
N TYR A 225 -9.06 18.37 -1.13
CA TYR A 225 -9.09 19.81 -1.31
C TYR A 225 -9.44 20.25 -2.73
N ILE A 226 -10.61 19.79 -3.19
CA ILE A 226 -11.14 20.13 -4.51
C ILE A 226 -12.03 21.35 -4.33
N LEU A 227 -11.74 22.40 -5.06
CA LEU A 227 -12.45 23.65 -5.00
C LEU A 227 -13.52 23.62 -6.08
N SER A 228 -14.78 23.62 -5.66
CA SER A 228 -15.91 23.53 -6.59
C SER A 228 -17.10 24.32 -6.03
N ALA A 229 -18.24 24.24 -6.72
CA ALA A 229 -19.42 25.05 -6.42
C ALA A 229 -19.97 24.78 -5.03
N ARG A 230 -20.27 25.89 -4.33
CA ARG A 230 -20.80 25.87 -2.98
C ARG A 230 -22.29 26.18 -3.06
N SER A 231 -23.11 25.25 -2.58
CA SER A 231 -24.53 25.48 -2.49
C SER A 231 -24.79 26.73 -1.62
N SER A 232 -25.68 27.59 -2.08
CA SER A 232 -26.09 28.79 -1.33
C SER A 232 -26.80 28.47 0.00
N LEU A 233 -27.25 27.22 0.19
CA LEU A 233 -27.87 26.83 1.45
C LEU A 233 -26.92 26.15 2.43
N ALA A 234 -25.70 25.79 2.01
CA ALA A 234 -24.88 24.93 2.84
C ALA A 234 -24.06 25.71 3.90
N PRO A 235 -23.96 25.18 5.12
CA PRO A 235 -23.13 25.77 6.16
C PRO A 235 -21.64 25.42 5.98
N ASP A 236 -20.77 26.23 6.59
CA ASP A 236 -19.32 26.01 6.63
C ASP A 236 -18.93 24.59 7.02
N SER A 237 -19.68 24.00 7.96
CA SER A 237 -19.40 22.65 8.43
C SER A 237 -19.47 21.55 7.35
N SER A 238 -20.10 21.82 6.21
CA SER A 238 -20.19 20.85 5.13
C SER A 238 -18.93 20.77 4.26
N PHE A 239 -17.99 21.71 4.46
CA PHE A 239 -16.80 21.85 3.62
C PHE A 239 -15.52 21.61 4.43
N TRP A 240 -14.48 21.22 3.71
CA TRP A 240 -13.13 21.10 4.31
C TRP A 240 -12.55 22.47 4.69
N ALA A 241 -12.88 23.46 3.90
CA ALA A 241 -12.46 24.84 4.14
C ALA A 241 -13.28 25.71 3.26
N ASN A 242 -13.38 26.99 3.62
CA ASN A 242 -14.06 27.99 2.82
C ASN A 242 -13.19 28.54 1.72
N HIS A 243 -13.81 29.21 0.77
CA HIS A 243 -13.08 30.03 -0.18
C HIS A 243 -13.82 31.34 -0.36
N ASP A 244 -15.01 31.29 -0.99
CA ASP A 244 -15.87 32.46 -1.09
C ASP A 244 -17.35 32.00 -1.07
N SER A 245 -18.26 32.96 -1.19
CA SER A 245 -19.68 32.65 -1.02
C SER A 245 -20.20 31.70 -2.09
N LYS A 246 -19.46 31.53 -3.19
CA LYS A 246 -19.88 30.64 -4.28
C LYS A 246 -19.08 29.35 -4.51
N TYR A 247 -17.92 29.20 -3.85
CA TYR A 247 -17.03 28.04 -4.06
C TYR A 247 -16.36 27.68 -2.73
N ALA A 248 -16.17 26.39 -2.50
CA ALA A 248 -15.48 25.91 -1.32
C ALA A 248 -14.88 24.52 -1.55
N TYR A 249 -14.12 24.06 -0.56
CA TYR A 249 -13.27 22.88 -0.67
C TYR A 249 -13.94 21.69 -0.06
N MET A 250 -13.80 20.55 -0.72
CA MET A 250 -14.24 19.27 -0.16
C MET A 250 -13.29 18.17 -0.64
N GLY A 251 -13.32 17.04 0.03
CA GLY A 251 -12.53 15.89 -0.37
C GLY A 251 -13.24 14.60 -0.05
N GLY A 252 -12.79 13.54 -0.73
CA GLY A 252 -13.43 12.23 -0.66
C GLY A 252 -13.35 11.55 -2.02
N THR A 253 -13.66 10.26 -2.07
CA THR A 253 -13.85 9.59 -3.36
C THR A 253 -15.04 10.19 -4.07
N SER A 254 -15.91 10.86 -3.31
CA SER A 254 -17.01 11.66 -3.85
C SER A 254 -16.57 12.73 -4.83
N MET A 255 -15.38 13.29 -4.60
CA MET A 255 -14.82 14.36 -5.41
C MET A 255 -14.02 13.82 -6.60
N ALA A 256 -13.34 12.69 -6.41
CA ALA A 256 -12.58 12.10 -7.50
C ALA A 256 -13.52 11.62 -8.62
N THR A 257 -14.62 10.99 -8.22
CA THR A 257 -15.57 10.41 -9.16
C THR A 257 -16.10 11.42 -10.23
N PRO A 258 -16.63 12.59 -9.81
CA PRO A 258 -17.19 13.52 -10.80
C PRO A 258 -16.13 14.10 -11.74
N ILE A 259 -14.88 14.21 -11.28
CA ILE A 259 -13.77 14.64 -12.15
C ILE A 259 -13.65 13.66 -13.34
N VAL A 260 -13.66 12.37 -13.02
CA VAL A 260 -13.60 11.33 -14.03
C VAL A 260 -14.87 11.31 -14.88
N ALA A 261 -16.02 11.55 -14.27
CA ALA A 261 -17.29 11.60 -15.02
C ALA A 261 -17.21 12.68 -16.08
N GLY A 262 -16.68 13.84 -15.72
CA GLY A 262 -16.44 14.90 -16.69
C GLY A 262 -15.44 14.51 -17.78
N ASN A 263 -14.37 13.84 -17.40
CA ASN A 263 -13.41 13.34 -18.37
C ASN A 263 -14.05 12.38 -19.35
N VAL A 264 -14.95 11.54 -18.86
CA VAL A 264 -15.69 10.61 -19.71
C VAL A 264 -16.56 11.38 -20.71
N ALA A 265 -17.19 12.48 -20.30
CA ALA A 265 -17.93 13.30 -21.25
C ALA A 265 -17.02 13.88 -22.32
N GLN A 266 -15.80 14.27 -21.95
CA GLN A 266 -14.86 14.82 -22.94
C GLN A 266 -14.46 13.73 -23.92
N LEU A 267 -14.10 12.59 -23.37
CA LEU A 267 -13.74 11.44 -24.18
C LEU A 267 -14.86 10.98 -25.10
N ARG A 268 -16.09 10.89 -24.59
CA ARG A 268 -17.25 10.44 -25.39
C ARG A 268 -17.50 11.40 -26.58
N GLU A 269 -17.49 12.70 -26.30
CA GLU A 269 -17.51 13.74 -27.32
C GLU A 269 -16.44 13.52 -28.42
N HIS A 270 -15.21 13.21 -28.01
CA HIS A 270 -14.13 13.01 -28.97
C HIS A 270 -14.45 11.87 -29.92
N PHE A 271 -14.86 10.71 -29.39
CA PHE A 271 -15.21 9.59 -30.26
C PHE A 271 -16.36 9.97 -31.21
N VAL A 272 -17.40 10.55 -30.65
CA VAL A 272 -18.64 10.88 -31.39
C VAL A 272 -18.38 11.88 -32.50
N LYS A 273 -17.61 12.94 -32.19
CA LYS A 273 -17.34 14.00 -33.12
C LYS A 273 -16.18 13.75 -34.08
N ASN A 274 -15.14 13.07 -33.59
CA ASN A 274 -13.86 13.02 -34.31
C ASN A 274 -13.47 11.63 -34.74
N ARG A 275 -14.13 10.58 -34.25
CA ARG A 275 -13.69 9.23 -34.55
C ARG A 275 -14.78 8.34 -35.15
N GLY A 276 -15.96 8.92 -35.38
CA GLY A 276 -16.98 8.27 -36.20
C GLY A 276 -17.81 7.20 -35.54
N VAL A 277 -17.70 7.08 -34.22
CA VAL A 277 -18.43 6.06 -33.51
C VAL A 277 -19.04 6.60 -32.21
N THR A 278 -20.14 5.98 -31.79
CA THR A 278 -20.62 6.13 -30.42
C THR A 278 -19.90 5.08 -29.58
N PRO A 279 -19.00 5.52 -28.70
CA PRO A 279 -18.22 4.55 -27.92
C PRO A 279 -19.09 3.89 -26.87
N LYS A 280 -19.06 2.57 -26.81
CA LYS A 280 -19.80 1.83 -25.78
C LYS A 280 -19.17 2.05 -24.39
N PRO A 281 -19.98 1.86 -23.32
CA PRO A 281 -19.41 1.98 -21.97
C PRO A 281 -18.10 1.22 -21.77
N SER A 282 -18.03 -0.03 -22.29
CA SER A 282 -16.81 -0.83 -22.16
C SER A 282 -15.59 -0.20 -22.79
N LEU A 283 -15.77 0.47 -23.92
CA LEU A 283 -14.66 1.14 -24.60
C LEU A 283 -14.20 2.40 -23.86
N LEU A 284 -15.13 3.21 -23.40
CA LEU A 284 -14.78 4.38 -22.60
C LEU A 284 -13.93 3.97 -21.38
N LYS A 285 -14.34 2.90 -20.72
CA LYS A 285 -13.66 2.38 -19.57
C LYS A 285 -12.30 1.80 -19.97
N ALA A 286 -12.24 1.00 -21.02
CA ALA A 286 -10.96 0.48 -21.51
C ALA A 286 -9.99 1.59 -21.92
N ALA A 287 -10.51 2.63 -22.56
CA ALA A 287 -9.66 3.78 -22.99
C ALA A 287 -9.11 4.56 -21.79
N LEU A 288 -9.92 4.77 -20.76
CA LEU A 288 -9.42 5.42 -19.52
C LEU A 288 -8.35 4.58 -18.82
N ILE A 289 -8.59 3.28 -18.76
CA ILE A 289 -7.65 2.36 -18.14
C ILE A 289 -6.31 2.30 -18.89
N ALA A 290 -6.33 2.09 -20.21
CA ALA A 290 -5.11 2.04 -20.99
C ALA A 290 -4.29 3.34 -20.90
N GLY A 291 -4.99 4.46 -20.86
CA GLY A 291 -4.31 5.76 -20.86
C GLY A 291 -3.83 6.20 -19.48
N ALA A 292 -4.26 5.50 -18.43
CA ALA A 292 -3.97 5.91 -17.06
C ALA A 292 -2.51 5.76 -16.69
N ALA A 293 -2.07 6.55 -15.71
CA ALA A 293 -0.69 6.63 -15.28
C ALA A 293 -0.45 5.85 -13.98
N ASP A 294 0.58 5.03 -13.98
CA ASP A 294 1.07 4.39 -12.78
C ASP A 294 1.54 5.51 -11.86
N VAL A 295 0.97 5.64 -10.66
CA VAL A 295 1.40 6.69 -9.70
C VAL A 295 2.72 6.35 -9.03
N GLY A 296 3.25 5.16 -9.31
CA GLY A 296 4.50 4.74 -8.73
C GLY A 296 4.46 3.48 -7.91
N LEU A 297 3.27 2.90 -7.76
CA LEU A 297 3.09 1.66 -6.99
C LEU A 297 3.09 0.40 -7.85
N GLY A 298 2.99 0.59 -9.15
CA GLY A 298 3.03 -0.51 -10.08
C GLY A 298 1.73 -1.27 -10.14
N PHE A 299 1.70 -2.23 -11.04
CA PHE A 299 0.57 -3.08 -11.23
C PHE A 299 1.02 -4.52 -10.99
N PRO A 300 0.09 -5.38 -10.57
CA PRO A 300 -1.29 -5.07 -10.24
C PRO A 300 -1.36 -4.37 -8.90
N ASN A 301 -2.50 -3.76 -8.56
CA ASN A 301 -2.56 -2.92 -7.35
C ASN A 301 -3.97 -2.67 -6.81
N GLY A 302 -4.13 -2.86 -5.50
CA GLY A 302 -5.41 -2.64 -4.82
C GLY A 302 -5.61 -1.24 -4.31
N ASN A 303 -4.54 -0.43 -4.34
CA ASN A 303 -4.56 0.96 -3.88
C ASN A 303 -4.85 1.97 -4.97
N GLN A 304 -4.20 1.79 -6.14
CA GLN A 304 -4.35 2.72 -7.25
C GLN A 304 -5.20 2.16 -8.43
N GLY A 305 -5.71 0.95 -8.30
CA GLY A 305 -6.36 0.31 -9.45
C GLY A 305 -5.40 0.28 -10.63
N TRP A 306 -5.87 0.73 -11.79
CA TRP A 306 -5.06 0.76 -13.01
C TRP A 306 -4.44 2.13 -13.24
N GLY A 307 -4.47 2.99 -12.22
CA GLY A 307 -3.71 4.24 -12.26
C GLY A 307 -4.59 5.49 -12.33
N ARG A 308 -3.92 6.64 -12.45
CA ARG A 308 -4.56 7.95 -12.38
C ARG A 308 -4.94 8.42 -13.80
N VAL A 309 -6.20 8.81 -14.01
CA VAL A 309 -6.69 9.21 -15.32
C VAL A 309 -5.77 10.23 -15.97
N THR A 310 -5.38 9.94 -17.19
CA THR A 310 -4.53 10.83 -17.99
C THR A 310 -5.19 10.94 -19.36
N LEU A 311 -6.05 11.94 -19.48
CA LEU A 311 -7.09 11.91 -20.50
C LEU A 311 -6.54 12.01 -21.93
N ASP A 312 -5.48 12.79 -22.12
CA ASP A 312 -4.93 12.95 -23.47
C ASP A 312 -4.39 11.67 -24.06
N LYS A 313 -3.86 10.78 -23.24
CA LYS A 313 -3.47 9.44 -23.72
C LYS A 313 -4.66 8.53 -24.09
N SER A 314 -5.82 8.79 -23.51
CA SER A 314 -7.02 7.99 -23.80
C SER A 314 -7.71 8.37 -25.10
N LEU A 315 -7.49 9.59 -25.57
CA LEU A 315 -8.28 10.15 -26.65
C LEU A 315 -8.13 9.38 -27.95
N ASN A 316 -6.88 9.02 -28.31
CA ASN A 316 -6.63 8.47 -29.64
C ASN A 316 -6.14 7.02 -29.60
N VAL A 317 -6.59 6.28 -28.59
CA VAL A 317 -6.34 4.84 -28.53
C VAL A 317 -6.80 4.15 -29.82
N ALA A 318 -6.07 3.13 -30.25
CA ALA A 318 -6.61 2.22 -31.28
C ALA A 318 -7.63 1.34 -30.56
N PHE A 319 -8.71 0.95 -31.22
CA PHE A 319 -9.80 0.32 -30.46
C PHE A 319 -10.63 -0.71 -31.19
N VAL A 320 -11.37 -1.48 -30.40
CA VAL A 320 -12.47 -2.29 -30.89
C VAL A 320 -13.64 -1.87 -30.01
N ASN A 321 -14.80 -1.66 -30.63
CA ASN A 321 -15.98 -1.13 -29.94
C ASN A 321 -17.17 -2.12 -29.97
N GLU A 322 -17.00 -3.26 -29.32
CA GLU A 322 -18.07 -4.27 -29.23
C GLU A 322 -18.57 -4.75 -30.61
N THR A 323 -17.66 -4.85 -31.58
CA THR A 323 -18.02 -5.23 -32.93
C THR A 323 -17.80 -6.72 -33.24
N SER A 324 -17.31 -7.50 -32.26
CA SER A 324 -17.14 -8.96 -32.43
C SER A 324 -17.74 -9.73 -31.23
N PRO A 325 -19.01 -10.15 -31.30
CA PRO A 325 -19.61 -10.99 -30.25
C PRO A 325 -19.01 -12.38 -30.24
N LEU A 326 -18.69 -12.90 -29.06
CA LEU A 326 -18.10 -14.22 -28.95
C LEU A 326 -18.95 -15.15 -28.12
N SER A 327 -18.97 -16.40 -28.59
CA SER A 327 -19.50 -17.53 -27.83
C SER A 327 -18.35 -18.40 -27.40
N THR A 328 -18.64 -19.33 -26.49
CA THR A 328 -17.62 -20.19 -25.90
C THR A 328 -16.77 -20.84 -26.98
N SER A 329 -15.45 -20.73 -26.81
CA SER A 329 -14.39 -21.35 -27.61
C SER A 329 -14.10 -20.59 -28.89
N GLN A 330 -14.83 -19.51 -29.16
CA GLN A 330 -14.49 -18.65 -30.27
C GLN A 330 -13.40 -17.64 -29.87
N LYS A 331 -12.90 -16.92 -30.85
CA LYS A 331 -11.91 -15.91 -30.60
C LYS A 331 -11.99 -14.85 -31.67
N ALA A 332 -11.49 -13.66 -31.31
CA ALA A 332 -11.35 -12.56 -32.25
C ALA A 332 -9.87 -12.16 -32.28
N THR A 333 -9.31 -12.10 -33.48
CA THR A 333 -7.87 -11.92 -33.64
C THR A 333 -7.58 -10.65 -34.39
N TYR A 334 -6.65 -9.85 -33.87
CA TYR A 334 -6.28 -8.60 -34.49
C TYR A 334 -4.77 -8.44 -34.56
N SER A 335 -4.32 -7.49 -35.38
CA SER A 335 -2.92 -7.12 -35.47
C SER A 335 -2.74 -5.64 -35.06
N PHE A 336 -1.59 -5.31 -34.46
CA PHE A 336 -1.23 -3.94 -34.12
C PHE A 336 0.26 -3.75 -34.36
N THR A 337 0.63 -2.70 -35.09
CA THR A 337 2.02 -2.40 -35.39
C THR A 337 2.66 -1.52 -34.31
N ALA A 338 3.71 -2.03 -33.69
CA ALA A 338 4.47 -1.34 -32.64
C ALA A 338 5.83 -0.92 -33.19
N GLN A 339 6.40 0.14 -32.61
CA GLN A 339 7.78 0.51 -32.84
C GLN A 339 8.47 0.57 -31.49
N ALA A 340 9.65 -0.02 -31.40
CA ALA A 340 10.44 0.02 -30.16
C ALA A 340 10.69 1.45 -29.69
N GLY A 341 10.86 1.63 -28.39
CA GLY A 341 11.23 2.93 -27.84
C GLY A 341 10.15 3.62 -27.00
N LYS A 342 8.97 3.01 -26.88
CA LYS A 342 7.93 3.61 -26.06
C LYS A 342 6.92 2.54 -25.60
N PRO A 343 6.25 2.76 -24.46
CA PRO A 343 5.39 1.71 -23.92
C PRO A 343 4.25 1.29 -24.83
N LEU A 344 3.80 0.05 -24.63
CA LEU A 344 2.63 -0.47 -25.29
C LEU A 344 1.65 -0.96 -24.21
N LYS A 345 0.44 -0.42 -24.20
CA LYS A 345 -0.58 -0.78 -23.21
C LYS A 345 -1.86 -1.22 -23.92
N ILE A 346 -2.31 -2.44 -23.61
CA ILE A 346 -3.50 -3.00 -24.21
C ILE A 346 -4.47 -3.40 -23.11
N SER A 347 -5.67 -2.81 -23.15
CA SER A 347 -6.74 -3.14 -22.19
C SER A 347 -7.96 -3.75 -22.88
N LEU A 348 -8.42 -4.87 -22.34
CA LEU A 348 -9.64 -5.55 -22.73
C LEU A 348 -10.66 -5.36 -21.64
N VAL A 349 -11.87 -4.93 -22.00
CA VAL A 349 -12.93 -4.71 -21.04
C VAL A 349 -14.24 -5.17 -21.60
N TRP A 350 -15.03 -5.90 -20.83
CA TRP A 350 -16.39 -6.23 -21.23
C TRP A 350 -17.43 -5.87 -20.17
N SER A 351 -18.64 -5.61 -20.63
CA SER A 351 -19.75 -5.36 -19.73
C SER A 351 -20.39 -6.72 -19.58
N ASP A 352 -20.02 -7.37 -18.49
CA ASP A 352 -20.39 -8.76 -18.22
C ASP A 352 -21.85 -8.91 -17.86
N ALA A 353 -22.38 -10.11 -18.05
CA ALA A 353 -23.66 -10.49 -17.44
C ALA A 353 -23.64 -10.25 -15.92
N PRO A 354 -24.79 -9.85 -15.34
CA PRO A 354 -24.85 -9.65 -13.90
C PRO A 354 -24.48 -10.89 -13.12
N GLY A 355 -23.66 -10.73 -12.08
CA GLY A 355 -23.22 -11.83 -11.27
C GLY A 355 -24.21 -12.15 -10.16
N SER A 356 -23.95 -13.24 -9.45
CA SER A 356 -24.74 -13.65 -8.28
C SER A 356 -24.21 -12.99 -7.00
N THR A 357 -25.12 -12.58 -6.12
CA THR A 357 -24.77 -12.01 -4.83
C THR A 357 -24.34 -13.07 -3.78
N THR A 358 -24.42 -14.35 -4.13
CA THR A 358 -24.04 -15.41 -3.18
C THR A 358 -22.86 -16.26 -3.63
N ALA A 359 -22.60 -16.35 -4.93
CA ALA A 359 -21.52 -17.22 -5.43
C ALA A 359 -20.14 -16.74 -5.03
N SER A 360 -19.15 -17.64 -5.09
CA SER A 360 -17.76 -17.27 -4.79
C SER A 360 -17.22 -16.20 -5.74
N LEU A 361 -17.56 -16.32 -7.02
CA LEU A 361 -17.06 -15.41 -8.05
C LEU A 361 -18.23 -14.71 -8.71
N THR A 362 -18.08 -13.41 -8.98
CA THR A 362 -19.14 -12.66 -9.63
C THR A 362 -19.04 -12.75 -11.14
N LEU A 363 -17.84 -13.06 -11.68
CA LEU A 363 -17.65 -13.13 -13.12
C LEU A 363 -18.56 -14.20 -13.72
N VAL A 364 -19.22 -13.88 -14.83
CA VAL A 364 -20.08 -14.83 -15.49
C VAL A 364 -19.42 -15.27 -16.80
N ASN A 365 -19.26 -14.33 -17.73
CA ASN A 365 -18.59 -14.60 -18.98
C ASN A 365 -17.08 -14.30 -18.87
N ASP A 366 -16.27 -15.29 -19.23
CA ASP A 366 -14.83 -15.24 -19.03
C ASP A 366 -14.14 -15.16 -20.40
N LEU A 367 -13.66 -13.96 -20.72
CA LEU A 367 -12.82 -13.73 -21.88
C LEU A 367 -11.38 -13.60 -21.39
N ASP A 368 -10.42 -13.91 -22.27
CA ASP A 368 -9.00 -13.80 -21.98
C ASP A 368 -8.34 -13.01 -23.07
N LEU A 369 -7.41 -12.13 -22.68
CA LEU A 369 -6.55 -11.41 -23.61
C LEU A 369 -5.25 -12.18 -23.78
N VAL A 370 -4.86 -12.41 -25.02
CA VAL A 370 -3.62 -13.14 -25.37
C VAL A 370 -2.85 -12.34 -26.42
N ILE A 371 -1.68 -11.90 -26.03
CA ILE A 371 -0.87 -11.06 -26.87
C ILE A 371 0.35 -11.87 -27.27
N THR A 372 0.75 -11.73 -28.53
CA THR A 372 1.97 -12.34 -29.03
C THR A 372 2.88 -11.30 -29.65
N ALA A 373 4.13 -11.21 -29.19
CA ALA A 373 5.09 -10.23 -29.65
C ALA A 373 5.68 -10.68 -30.98
N PRO A 374 6.39 -9.78 -31.70
CA PRO A 374 6.95 -10.14 -32.99
C PRO A 374 7.93 -11.33 -32.92
N ASN A 375 8.63 -11.49 -31.80
CA ASN A 375 9.54 -12.61 -31.61
C ASN A 375 8.88 -13.85 -31.00
N GLY A 376 7.57 -13.86 -30.87
CA GLY A 376 6.86 -15.00 -30.30
C GLY A 376 6.57 -14.97 -28.80
N THR A 377 7.12 -14.02 -28.07
CA THR A 377 6.84 -13.99 -26.63
C THR A 377 5.34 -13.76 -26.36
N LYS A 378 4.82 -14.55 -25.44
CA LYS A 378 3.39 -14.58 -25.14
C LYS A 378 3.07 -13.88 -23.84
N TYR A 379 1.93 -13.19 -23.80
CA TYR A 379 1.42 -12.56 -22.59
C TYR A 379 -0.08 -12.78 -22.48
N VAL A 380 -0.56 -13.14 -21.28
CA VAL A 380 -2.01 -13.20 -21.06
C VAL A 380 -2.42 -12.11 -20.08
N GLY A 381 -3.68 -11.73 -20.17
CA GLY A 381 -4.23 -10.61 -19.39
C GLY A 381 -3.94 -10.69 -17.90
N ASN A 382 -3.42 -9.60 -17.38
CA ASN A 382 -3.17 -9.43 -15.95
C ASN A 382 -2.08 -10.32 -15.37
N ASP A 383 -1.30 -11.01 -16.23
CA ASP A 383 -0.20 -11.79 -15.70
C ASP A 383 1.05 -10.93 -15.74
N PHE A 384 1.41 -10.37 -14.59
CA PHE A 384 2.51 -9.42 -14.53
C PHE A 384 3.84 -10.03 -14.03
N THR A 385 3.83 -11.34 -13.77
CA THR A 385 5.02 -12.10 -13.36
C THR A 385 5.55 -12.98 -14.50
N ALA A 386 6.87 -12.92 -14.71
CA ALA A 386 7.50 -13.67 -15.81
C ALA A 386 7.54 -15.14 -15.42
N PRO A 387 7.27 -16.07 -16.37
CA PRO A 387 6.82 -15.78 -17.69
C PRO A 387 5.34 -15.37 -17.68
N TYR A 388 4.97 -14.55 -18.65
CA TYR A 388 3.76 -13.75 -18.61
C TYR A 388 2.56 -14.44 -19.22
N ASP A 389 2.68 -15.75 -19.50
CA ASP A 389 1.58 -16.50 -20.09
C ASP A 389 1.18 -17.74 -19.31
N ASN A 390 1.52 -17.81 -18.03
CA ASN A 390 1.13 -18.99 -17.25
C ASN A 390 0.05 -18.72 -16.19
N ASN A 391 -0.21 -17.45 -15.86
CA ASN A 391 -1.22 -17.12 -14.85
C ASN A 391 -2.46 -16.49 -15.53
N TRP A 392 -3.42 -17.34 -15.89
CA TRP A 392 -4.63 -16.89 -16.59
C TRP A 392 -5.62 -16.28 -15.62
N ASP A 393 -6.32 -15.23 -16.05
CA ASP A 393 -7.30 -14.53 -15.19
C ASP A 393 -8.70 -15.08 -15.42
N GLY A 394 -9.31 -15.61 -14.34
CA GLY A 394 -10.71 -16.03 -14.37
C GLY A 394 -11.60 -15.32 -13.36
N ARG A 395 -11.31 -14.06 -13.02
CA ARG A 395 -12.09 -13.28 -12.04
CA ARG A 395 -12.14 -13.31 -12.08
C ARG A 395 -12.50 -11.88 -12.55
N ASN A 396 -11.63 -11.25 -13.32
CA ASN A 396 -11.82 -9.84 -13.75
C ASN A 396 -12.42 -9.70 -15.13
N ASN A 397 -13.25 -8.66 -15.31
CA ASN A 397 -13.75 -8.28 -16.65
C ASN A 397 -12.96 -7.10 -17.25
N VAL A 398 -11.76 -6.88 -16.69
CA VAL A 398 -10.76 -6.00 -17.20
C VAL A 398 -9.46 -6.85 -17.24
N GLU A 399 -8.89 -7.00 -18.43
CA GLU A 399 -7.63 -7.73 -18.62
C GLU A 399 -6.67 -6.85 -19.38
N ASN A 400 -5.45 -6.72 -18.85
CA ASN A 400 -4.42 -5.84 -19.37
C ASN A 400 -3.08 -6.51 -19.66
N VAL A 401 -2.44 -6.03 -20.73
CA VAL A 401 -1.04 -6.39 -21.03
C VAL A 401 -0.34 -5.08 -21.26
N PHE A 402 0.61 -4.77 -20.37
CA PHE A 402 1.34 -3.53 -20.36
C PHE A 402 2.84 -3.84 -20.55
N ILE A 403 3.38 -3.46 -21.69
CA ILE A 403 4.77 -3.78 -22.07
C ILE A 403 5.53 -2.48 -22.17
N ASN A 404 6.46 -2.28 -21.26
CA ASN A 404 7.17 -1.02 -21.18
C ASN A 404 8.16 -0.84 -22.33
N ALA A 405 8.76 -1.93 -22.78
CA ALA A 405 9.78 -1.87 -23.84
C ALA A 405 9.42 -2.89 -24.93
N PRO A 406 8.46 -2.55 -25.81
CA PRO A 406 8.00 -3.50 -26.83
C PRO A 406 8.99 -3.62 -28.00
N GLN A 407 8.82 -4.66 -28.81
CA GLN A 407 9.62 -4.84 -30.03
C GLN A 407 8.97 -4.13 -31.20
N SER A 408 9.77 -3.77 -32.21
CA SER A 408 9.24 -3.28 -33.47
C SER A 408 8.66 -4.43 -34.28
N GLY A 409 7.49 -4.21 -34.89
CA GLY A 409 6.85 -5.23 -35.72
C GLY A 409 5.38 -5.41 -35.36
N THR A 410 4.84 -6.58 -35.68
CA THR A 410 3.42 -6.85 -35.55
C THR A 410 3.13 -7.66 -34.29
N TYR A 411 2.32 -7.08 -33.41
CA TYR A 411 1.77 -7.77 -32.27
C TYR A 411 0.43 -8.38 -32.68
N THR A 412 0.18 -9.63 -32.29
CA THR A 412 -1.14 -10.25 -32.40
C THR A 412 -1.89 -9.95 -31.10
N VAL A 413 -3.11 -9.43 -31.23
CA VAL A 413 -3.96 -9.09 -30.10
C VAL A 413 -5.18 -9.99 -30.23
N GLU A 414 -5.28 -10.99 -29.35
CA GLU A 414 -6.35 -11.98 -29.43
C GLU A 414 -7.24 -12.00 -28.19
N VAL A 415 -8.54 -12.07 -28.42
CA VAL A 415 -9.50 -12.18 -27.36
C VAL A 415 -10.12 -13.56 -27.49
N GLN A 416 -9.93 -14.38 -26.47
CA GLN A 416 -10.44 -15.76 -26.45
C GLN A 416 -11.62 -15.91 -25.49
N ALA A 417 -12.70 -16.51 -25.99
CA ALA A 417 -13.89 -16.79 -25.18
C ALA A 417 -13.73 -18.11 -24.41
N TYR A 418 -13.17 -18.03 -23.22
CA TYR A 418 -12.93 -19.25 -22.45
C TYR A 418 -14.23 -19.94 -22.07
N ASN A 419 -15.17 -19.17 -21.55
CA ASN A 419 -16.45 -19.68 -21.09
C ASN A 419 -17.51 -18.60 -21.06
N VAL A 420 -18.54 -18.75 -21.91
CA VAL A 420 -19.58 -17.73 -22.03
C VAL A 420 -20.96 -18.38 -21.85
N PRO A 421 -21.38 -18.62 -20.60
CA PRO A 421 -22.70 -19.22 -20.37
C PRO A 421 -23.85 -18.29 -20.66
N VAL A 422 -23.62 -16.98 -20.69
CA VAL A 422 -24.69 -16.03 -20.98
C VAL A 422 -24.28 -15.16 -22.17
N GLY A 423 -24.25 -15.82 -23.33
CA GLY A 423 -23.68 -15.22 -24.54
C GLY A 423 -24.65 -14.83 -25.63
N PRO A 424 -24.13 -14.28 -26.71
CA PRO A 424 -22.70 -14.00 -26.90
C PRO A 424 -22.22 -12.83 -26.05
N GLN A 425 -20.90 -12.70 -25.90
CA GLN A 425 -20.33 -11.60 -25.14
C GLN A 425 -19.49 -10.74 -26.06
N THR A 426 -19.85 -9.47 -26.18
CA THR A 426 -19.05 -8.50 -26.87
C THR A 426 -18.00 -7.92 -25.91
N PHE A 427 -17.04 -7.19 -26.46
CA PHE A 427 -15.92 -6.64 -25.68
C PHE A 427 -15.38 -5.42 -26.41
N SER A 428 -14.60 -4.62 -25.68
CA SER A 428 -13.86 -3.52 -26.25
C SER A 428 -12.38 -3.69 -25.92
N LEU A 429 -11.56 -3.15 -26.81
CA LEU A 429 -10.13 -3.09 -26.62
C LEU A 429 -9.71 -1.67 -26.79
N ALA A 430 -8.75 -1.23 -25.97
CA ALA A 430 -8.07 0.04 -26.18
C ALA A 430 -6.57 -0.15 -26.11
N ILE A 431 -5.86 0.43 -27.07
CA ILE A 431 -4.41 0.30 -27.19
C ILE A 431 -3.76 1.69 -27.18
N VAL A 432 -2.88 1.90 -26.22
CA VAL A 432 -2.04 3.08 -26.18
C VAL A 432 -0.59 2.72 -26.60
N HIS A 433 -0.04 3.48 -27.54
CA HIS A 433 1.35 3.31 -27.97
C HIS A 433 1.85 4.58 -28.62
N ARG B 6 -0.99 14.51 23.94
CA ARG B 6 -0.37 13.14 23.94
C ARG B 6 -1.27 11.97 23.48
N HIS B 7 -2.50 12.24 23.01
CA HIS B 7 -3.37 11.20 22.44
C HIS B 7 -2.65 10.48 21.30
N ASN B 8 -2.69 9.14 21.31
CA ASN B 8 -2.22 8.38 20.16
C ASN B 8 -3.16 8.58 18.95
N LEU B 9 -2.58 8.67 17.75
CA LEU B 9 -3.35 8.80 16.53
C LEU B 9 -4.17 7.51 16.38
N LYS B 10 -5.48 7.62 16.55
CA LYS B 10 -6.37 6.48 16.36
C LYS B 10 -7.53 6.88 15.44
N THR B 11 -7.71 6.10 14.37
CA THR B 11 -8.72 6.39 13.34
C THR B 11 -9.65 5.23 13.03
N GLU B 12 -9.39 4.08 13.66
CA GLU B 12 -10.27 2.93 13.53
C GLU B 12 -10.36 2.23 14.87
N TRP B 13 -11.50 1.61 15.13
CA TRP B 13 -11.74 0.90 16.40
C TRP B 13 -12.23 -0.54 16.20
N PRO B 14 -11.37 -1.45 15.69
CA PRO B 14 -11.80 -2.84 15.48
C PRO B 14 -12.31 -3.55 16.75
N GLU B 15 -11.81 -3.11 17.90
CA GLU B 15 -12.20 -3.66 19.19
C GLU B 15 -13.67 -3.38 19.57
N LEU B 16 -14.34 -2.46 18.89
CA LEU B 16 -15.69 -2.07 19.25
C LEU B 16 -16.76 -2.88 18.53
N VAL B 17 -16.36 -3.76 17.62
CA VAL B 17 -17.31 -4.56 16.86
C VAL B 17 -18.01 -5.46 17.85
N GLY B 18 -19.34 -5.52 17.80
CA GLY B 18 -20.14 -6.34 18.73
C GLY B 18 -20.56 -5.64 20.04
N LYS B 19 -19.94 -4.50 20.35
CA LYS B 19 -20.33 -3.70 21.52
C LYS B 19 -21.54 -2.83 21.27
N SER B 20 -22.15 -2.38 22.36
CA SER B 20 -23.26 -1.42 22.28
C SER B 20 -22.80 -0.09 21.75
N VAL B 21 -23.74 0.64 21.18
CA VAL B 21 -23.51 1.99 20.70
C VAL B 21 -23.00 2.91 21.84
N GLU B 22 -23.56 2.75 23.03
CA GLU B 22 -23.20 3.58 24.18
C GLU B 22 -21.79 3.29 24.63
N GLU B 23 -21.39 2.02 24.63
CA GLU B 23 -20.00 1.66 24.97
C GLU B 23 -19.03 2.19 23.91
N ALA B 24 -19.41 2.06 22.65
CA ALA B 24 -18.58 2.54 21.55
C ALA B 24 -18.32 4.05 21.62
N LYS B 25 -19.39 4.82 21.87
CA LYS B 25 -19.29 6.26 21.93
C LYS B 25 -18.28 6.71 22.99
N LYS B 26 -18.27 6.06 24.14
CA LYS B 26 -17.39 6.50 25.23
C LYS B 26 -15.93 6.30 24.84
N VAL B 27 -15.62 5.16 24.20
CA VAL B 27 -14.25 4.86 23.80
C VAL B 27 -13.78 5.82 22.71
N ILE B 28 -14.63 6.04 21.72
CA ILE B 28 -14.30 6.95 20.63
C ILE B 28 -14.05 8.35 21.15
N LEU B 29 -14.93 8.84 22.04
CA LEU B 29 -14.70 10.19 22.62
C LEU B 29 -13.46 10.23 23.51
N GLN B 30 -13.11 9.11 24.12
CA GLN B 30 -11.88 9.02 24.91
C GLN B 30 -10.66 9.18 24.02
N ASP B 31 -10.73 8.61 22.82
CA ASP B 31 -9.63 8.66 21.85
C ASP B 31 -9.67 9.90 21.00
N LYS B 32 -10.85 10.45 20.77
CA LYS B 32 -11.01 11.52 19.81
C LYS B 32 -12.06 12.46 20.34
N PRO B 33 -11.66 13.37 21.23
CA PRO B 33 -12.62 14.24 21.95
C PRO B 33 -13.53 15.04 21.03
N GLU B 34 -13.04 15.40 19.84
CA GLU B 34 -13.82 16.19 18.88
C GLU B 34 -14.78 15.38 17.98
N ALA B 35 -14.82 14.06 18.12
CA ALA B 35 -15.67 13.24 17.23
C ALA B 35 -17.11 13.68 17.22
N GLN B 36 -17.68 13.79 16.02
CA GLN B 36 -19.12 13.95 15.81
C GLN B 36 -19.64 12.59 15.35
N ILE B 37 -20.34 11.92 16.26
CA ILE B 37 -20.73 10.54 16.05
C ILE B 37 -22.16 10.45 15.58
N ILE B 38 -22.36 9.62 14.55
CA ILE B 38 -23.66 9.42 13.90
C ILE B 38 -23.92 7.92 13.92
N VAL B 39 -25.16 7.52 14.17
CA VAL B 39 -25.53 6.10 14.20
C VAL B 39 -26.48 5.78 13.03
N LEU B 40 -26.19 4.71 12.29
CA LEU B 40 -27.01 4.31 11.14
C LEU B 40 -27.11 2.82 11.07
N PRO B 41 -28.20 2.30 10.45
CA PRO B 41 -28.32 0.87 10.23
C PRO B 41 -27.21 0.37 9.33
N VAL B 42 -26.74 -0.85 9.60
CA VAL B 42 -25.72 -1.44 8.77
C VAL B 42 -26.29 -1.58 7.36
N GLY B 43 -25.45 -1.37 6.36
CA GLY B 43 -25.87 -1.43 4.96
C GLY B 43 -26.42 -0.14 4.36
N THR B 44 -26.57 0.90 5.16
CA THR B 44 -27.05 2.19 4.68
C THR B 44 -26.11 2.83 3.63
N ILE B 45 -26.71 3.37 2.60
CA ILE B 45 -26.01 4.10 1.56
C ILE B 45 -25.76 5.52 2.03
N VAL B 46 -24.51 5.99 1.90
CA VAL B 46 -24.13 7.33 2.38
C VAL B 46 -23.30 8.04 1.33
N THR B 47 -23.19 9.37 1.45
CA THR B 47 -22.35 10.17 0.57
C THR B 47 -20.90 9.81 0.87
N MET B 48 -20.00 10.00 -0.10
CA MET B 48 -18.60 9.60 0.07
C MET B 48 -17.62 10.75 0.17
N GLU B 49 -18.04 11.80 0.89
CA GLU B 49 -17.09 12.84 1.28
C GLU B 49 -16.42 12.43 2.62
N TYR B 50 -15.17 12.87 2.79
CA TYR B 50 -14.40 12.54 3.97
C TYR B 50 -14.47 13.69 4.97
N ARG B 51 -15.09 13.45 6.13
CA ARG B 51 -15.14 14.46 7.22
C ARG B 51 -14.29 14.00 8.38
N ILE B 52 -13.16 14.68 8.58
CA ILE B 52 -12.15 14.18 9.51
C ILE B 52 -12.63 14.09 10.95
N ASP B 53 -13.63 14.89 11.35
CA ASP B 53 -14.15 14.83 12.73
C ASP B 53 -15.35 13.90 12.93
N ARG B 54 -15.85 13.31 11.85
CA ARG B 54 -17.02 12.44 11.92
C ARG B 54 -16.62 11.01 12.17
N VAL B 55 -17.42 10.30 12.97
CA VAL B 55 -17.36 8.86 13.10
C VAL B 55 -18.77 8.30 12.93
N ARG B 56 -18.97 7.56 11.85
CA ARG B 56 -20.23 6.86 11.64
C ARG B 56 -20.16 5.52 12.34
N LEU B 57 -21.21 5.19 13.10
CA LEU B 57 -21.34 3.85 13.67
C LEU B 57 -22.44 3.09 12.93
N PHE B 58 -22.08 1.97 12.34
CA PHE B 58 -23.06 1.14 11.64
C PHE B 58 -23.47 -0.02 12.56
N VAL B 59 -24.77 -0.10 12.87
CA VAL B 59 -25.29 -1.04 13.88
C VAL B 59 -26.25 -2.08 13.34
N ASP B 60 -26.23 -3.26 13.95
CA ASP B 60 -27.16 -4.35 13.61
C ASP B 60 -28.52 -4.13 14.28
N LYS B 61 -29.41 -5.10 14.24
CA LYS B 61 -30.77 -4.87 14.79
C LYS B 61 -30.84 -4.90 16.30
N LEU B 62 -29.77 -5.32 16.95
CA LEU B 62 -29.68 -5.24 18.43
C LEU B 62 -29.02 -3.93 18.90
N ASP B 63 -28.76 -3.03 17.95
CA ASP B 63 -28.00 -1.81 18.23
C ASP B 63 -26.56 -2.05 18.70
N ASN B 64 -25.98 -3.17 18.27
CA ASN B 64 -24.57 -3.41 18.45
C ASN B 64 -23.77 -3.05 17.19
N ILE B 65 -22.54 -2.60 17.41
CA ILE B 65 -21.69 -2.16 16.32
C ILE B 65 -21.50 -3.34 15.36
N ALA B 66 -21.85 -3.15 14.09
CA ALA B 66 -21.83 -4.23 13.08
C ALA B 66 -20.53 -4.30 12.26
N GLU B 67 -19.82 -3.19 12.12
CA GLU B 67 -18.53 -3.20 11.45
C GLU B 67 -17.58 -2.20 12.09
N VAL B 68 -16.32 -2.27 11.68
CA VAL B 68 -15.25 -1.48 12.28
C VAL B 68 -15.52 0.02 12.11
N PRO B 69 -15.75 0.75 13.23
CA PRO B 69 -15.89 2.18 13.16
C PRO B 69 -14.59 2.83 12.71
N ARG B 70 -14.69 3.77 11.79
CA ARG B 70 -13.54 4.58 11.43
C ARG B 70 -13.93 6.01 11.21
N VAL B 71 -12.93 6.89 11.32
CA VAL B 71 -13.10 8.31 11.11
C VAL B 71 -13.50 8.53 9.64
N GLY B 72 -14.37 9.50 9.41
CA GLY B 72 -14.59 10.02 8.07
C GLY B 72 -16.04 10.27 7.72
N 5VV C 1 22.30 -9.48 -4.90
C9 5VV C 1 21.35 -8.93 -5.72
O10 5VV C 1 20.62 -9.72 -6.41
O11 5VV C 1 21.23 -7.66 -5.85
CA 5VV C 1 23.19 -8.62 -4.11
CB 5VV C 1 24.32 -9.44 -3.46
CG 5VV C 1 23.89 -10.45 -2.40
ND2 5VV C 1 24.81 -11.51 -2.12
OD1 5VV C 1 22.71 -10.31 -1.73
C 5VV C 1 23.89 -7.52 -4.93
O 5VV C 1 24.04 -6.41 -4.44
N ASP C 2 24.37 -7.86 -6.12
CA ASP C 2 25.07 -6.87 -6.97
C ASP C 2 24.17 -5.66 -7.29
N VAL C 3 22.88 -5.88 -7.44
CA VAL C 3 21.96 -4.80 -7.71
C VAL C 3 21.58 -4.12 -6.40
N ALA C 4 21.28 -4.89 -5.36
CA ALA C 4 20.96 -4.30 -4.04
C ALA C 4 22.07 -3.35 -3.55
N ARG C 5 23.30 -3.76 -3.80
CA ARG C 5 24.49 -2.98 -3.43
C ARG C 5 24.41 -1.53 -3.91
N GLY C 6 24.04 -1.33 -5.16
CA GLY C 6 23.84 0.03 -5.71
C GLY C 6 22.63 0.75 -5.13
N ILE C 7 21.54 0.01 -4.90
CA ILE C 7 20.30 0.60 -4.41
C ILE C 7 20.49 1.25 -3.03
N VAL C 8 21.13 0.52 -2.11
CA VAL C 8 21.38 1.00 -0.75
C VAL C 8 22.63 1.85 -0.56
N LYS C 9 23.34 2.11 -1.65
CA LYS C 9 24.55 2.92 -1.69
C LYS C 9 25.71 2.25 -0.96
N ALA C 10 25.71 0.92 -0.90
CA ALA C 10 26.84 0.20 -0.35
C ALA C 10 28.05 0.38 -1.28
N ASP C 11 27.78 0.52 -2.59
CA ASP C 11 28.83 0.78 -3.56
C ASP C 11 29.53 2.13 -3.30
N VAL C 12 28.76 3.16 -2.96
CA VAL C 12 29.33 4.46 -2.62
C VAL C 12 30.17 4.33 -1.34
N ALA C 13 29.61 3.64 -0.33
CA ALA C 13 30.33 3.44 0.91
C ALA C 13 31.67 2.76 0.61
N GLN C 14 31.65 1.78 -0.25
CA GLN C 14 32.83 0.99 -0.58
C GLN C 14 33.85 1.78 -1.41
N ASN C 15 33.40 2.29 -2.56
CA ASN C 15 34.26 2.91 -3.56
C ASN C 15 34.69 4.32 -3.19
N ASN C 16 33.82 5.10 -2.55
CA ASN C 16 34.17 6.45 -2.19
C ASN C 16 34.69 6.57 -0.76
N PHE C 17 34.27 5.69 0.16
CA PHE C 17 34.73 5.80 1.56
C PHE C 17 35.64 4.67 2.04
N GLY C 18 35.89 3.69 1.18
CA GLY C 18 36.70 2.55 1.56
C GLY C 18 36.07 1.55 2.55
N LEU C 19 34.75 1.58 2.72
CA LEU C 19 34.07 0.77 3.76
C LEU C 19 33.56 -0.58 3.23
N TYR C 20 34.35 -1.62 3.50
CA TYR C 20 33.99 -3.00 3.16
C TYR C 20 33.67 -3.83 4.39
N GLY C 21 33.73 -3.22 5.57
CA GLY C 21 33.44 -3.91 6.83
C GLY C 21 34.65 -4.55 7.50
N GLN C 22 35.84 -4.32 6.96
CA GLN C 22 37.06 -4.89 7.57
C GLN C 22 37.12 -4.52 9.06
N GLY C 23 37.41 -5.50 9.89
CA GLY C 23 37.54 -5.30 11.34
C GLY C 23 36.23 -5.49 12.07
N GLN C 24 35.12 -5.59 11.34
CA GLN C 24 33.81 -5.84 11.97
C GLN C 24 33.51 -7.34 11.93
N ILE C 25 32.71 -7.78 12.88
CA ILE C 25 32.32 -9.21 12.99
C ILE C 25 30.81 -9.26 13.12
N VAL C 26 30.15 -9.88 12.14
CA VAL C 26 28.71 -10.02 12.15
C VAL C 26 28.35 -11.46 12.48
N ALA C 27 27.43 -11.64 13.42
CA ALA C 27 26.87 -12.96 13.70
C ALA C 27 25.53 -13.17 12.93
N VAL C 28 25.38 -14.32 12.30
CA VAL C 28 24.15 -14.71 11.68
C VAL C 28 23.65 -15.94 12.40
N ALA C 29 22.42 -15.89 12.93
CA ALA C 29 21.80 -17.12 13.44
C ALA C 29 20.80 -17.57 12.41
N ASP C 30 21.09 -18.70 11.79
CA ASP C 30 20.24 -19.18 10.69
C ASP C 30 20.44 -20.68 10.49
N THR C 31 19.87 -21.23 9.42
CA THR C 31 19.76 -22.70 9.31
C THR C 31 21.10 -23.43 9.44
N GLY C 32 22.02 -23.06 8.57
CA GLY C 32 23.32 -23.68 8.48
C GLY C 32 24.15 -22.93 7.46
N LEU C 33 25.41 -23.31 7.33
CA LEU C 33 26.32 -22.66 6.40
C LEU C 33 27.02 -23.68 5.53
N ASP C 34 26.51 -23.80 4.29
CA ASP C 34 27.06 -24.68 3.27
C ASP C 34 27.45 -26.06 3.82
N THR C 35 28.73 -26.44 3.77
CA THR C 35 29.16 -27.77 4.22
C THR C 35 29.22 -27.91 5.73
N GLY C 36 29.07 -26.81 6.46
CA GLY C 36 29.10 -26.84 7.91
C GLY C 36 30.48 -27.10 8.48
N ARG C 37 31.50 -27.02 7.63
CA ARG C 37 32.89 -27.15 8.06
C ARG C 37 33.73 -25.96 7.62
N ASN C 38 34.42 -25.37 8.57
CA ASN C 38 35.27 -24.24 8.33
C ASN C 38 36.65 -24.70 7.87
N ASP C 39 36.69 -25.19 6.65
CA ASP C 39 37.92 -25.70 6.07
C ASP C 39 37.86 -25.37 4.57
N SER C 40 38.68 -26.05 3.77
CA SER C 40 38.72 -25.80 2.33
C SER C 40 37.46 -26.22 1.58
N SER C 41 36.61 -27.04 2.19
CA SER C 41 35.36 -27.43 1.56
C SER C 41 34.33 -26.28 1.54
N MET C 42 34.50 -25.28 2.41
CA MET C 42 33.50 -24.20 2.54
C MET C 42 33.32 -23.43 1.22
N HIS C 43 32.08 -23.08 0.93
CA HIS C 43 31.73 -22.18 -0.17
C HIS C 43 32.69 -20.98 -0.25
N GLU C 44 33.13 -20.68 -1.47
CA GLU C 44 34.02 -19.56 -1.78
C GLU C 44 33.64 -18.25 -1.13
N ALA C 45 32.36 -18.01 -0.91
CA ALA C 45 31.92 -16.76 -0.33
C ALA C 45 32.38 -16.56 1.12
N PHE C 46 32.63 -17.65 1.85
CA PHE C 46 32.95 -17.60 3.28
C PHE C 46 34.32 -18.18 3.66
N ARG C 47 34.91 -18.94 2.74
CA ARG C 47 36.18 -19.58 2.99
C ARG C 47 37.21 -18.58 3.51
N GLY C 48 37.83 -18.89 4.64
CA GLY C 48 38.85 -18.02 5.20
C GLY C 48 38.31 -16.84 5.98
N LYS C 49 37.00 -16.66 6.12
CA LYS C 49 36.50 -15.49 6.85
C LYS C 49 35.53 -15.83 8.02
N ILE C 50 35.53 -17.09 8.43
CA ILE C 50 34.70 -17.54 9.55
C ILE C 50 35.42 -17.42 10.90
N THR C 51 34.94 -16.50 11.72
CA THR C 51 35.41 -16.30 13.08
C THR C 51 35.06 -17.51 13.96
N ALA C 52 33.82 -17.95 13.87
CA ALA C 52 33.32 -19.06 14.66
C ALA C 52 32.11 -19.69 13.96
N LEU C 53 31.97 -20.99 14.14
CA LEU C 53 30.89 -21.75 13.52
C LEU C 53 30.32 -22.70 14.56
N TYR C 54 29.09 -22.43 14.98
CA TYR C 54 28.48 -23.16 16.09
C TYR C 54 27.29 -23.96 15.62
N ALA C 55 27.22 -25.23 16.05
CA ALA C 55 26.10 -26.11 15.73
C ALA C 55 25.18 -26.22 16.94
N LEU C 56 24.09 -25.47 16.91
CA LEU C 56 23.17 -25.38 18.01
C LEU C 56 21.96 -26.28 17.83
N GLY C 57 21.48 -26.45 16.61
CA GLY C 57 20.26 -27.24 16.39
C GLY C 57 20.46 -28.73 16.24
N ARG C 58 21.59 -29.12 15.68
CA ARG C 58 21.97 -30.52 15.42
C ARG C 58 23.40 -30.72 15.94
N THR C 59 23.57 -31.67 16.84
CA THR C 59 24.87 -31.90 17.47
C THR C 59 25.91 -32.17 16.43
N ASN C 60 26.99 -31.41 16.50
CA ASN C 60 28.09 -31.49 15.56
C ASN C 60 27.72 -31.36 14.06
N ASN C 61 26.61 -30.70 13.73
CA ASN C 61 26.27 -30.50 12.35
C ASN C 61 25.74 -29.10 12.08
N ALA C 62 26.56 -28.29 11.41
CA ALA C 62 26.18 -26.92 11.05
C ALA C 62 25.96 -26.75 9.53
N ASN C 63 25.78 -27.86 8.83
CA ASN C 63 25.58 -27.79 7.39
C ASN C 63 24.18 -27.30 7.00
N ASP C 64 24.03 -26.94 5.73
CA ASP C 64 22.83 -26.28 5.24
C ASP C 64 22.13 -26.98 4.08
N PRO C 65 21.34 -28.03 4.38
CA PRO C 65 20.57 -28.68 3.33
C PRO C 65 19.42 -27.82 2.83
N ASN C 66 19.02 -26.82 3.61
CA ASN C 66 17.90 -25.94 3.30
C ASN C 66 18.32 -24.87 2.26
N GLY C 67 19.42 -24.18 2.54
CA GLY C 67 19.89 -23.07 1.66
C GLY C 67 19.65 -21.67 2.24
N HIS C 68 18.69 -21.57 3.14
CA HIS C 68 18.29 -20.26 3.63
C HIS C 68 19.44 -19.50 4.29
N GLY C 69 20.06 -20.14 5.26
CA GLY C 69 21.12 -19.55 6.04
C GLY C 69 22.35 -19.15 5.25
N THR C 70 22.67 -19.93 4.22
CA THR C 70 23.84 -19.69 3.38
C THR C 70 23.60 -18.46 2.48
N HIS C 71 22.38 -18.34 1.97
CA HIS C 71 21.98 -17.19 1.14
C HIS C 71 22.03 -15.89 1.95
N VAL C 72 21.42 -15.94 3.13
CA VAL C 72 21.40 -14.83 4.10
C VAL C 72 22.80 -14.35 4.45
N ALA C 73 23.68 -15.26 4.86
CA ALA C 73 25.02 -14.88 5.24
C ALA C 73 25.75 -14.29 4.03
N GLY C 74 25.52 -14.88 2.87
CA GLY C 74 26.02 -14.36 1.62
C GLY C 74 25.75 -12.88 1.42
N SER C 75 24.52 -12.46 1.73
CA SER C 75 24.10 -11.08 1.55
C SER C 75 24.74 -10.14 2.57
N VAL C 76 25.12 -10.68 3.73
CA VAL C 76 25.82 -9.83 4.71
C VAL C 76 27.24 -9.54 4.26
N LEU C 77 27.99 -10.61 3.94
CA LEU C 77 29.42 -10.46 3.87
C LEU C 77 30.15 -11.43 2.93
N GLY C 78 29.43 -12.11 2.03
CA GLY C 78 30.04 -13.00 1.07
C GLY C 78 31.10 -12.24 0.26
N ASN C 79 32.26 -12.86 0.07
CA ASN C 79 33.41 -12.21 -0.57
C ASN C 79 33.97 -12.97 -1.77
N ALA C 80 33.14 -13.66 -2.53
CA ALA C 80 33.60 -14.22 -3.79
C ALA C 80 32.97 -13.39 -4.94
N THR C 81 31.98 -13.90 -5.66
CA THR C 81 31.16 -13.01 -6.51
C THR C 81 29.78 -12.85 -5.90
N ASN C 82 28.98 -11.97 -6.49
CA ASN C 82 27.68 -11.63 -5.91
C ASN C 82 27.87 -11.31 -4.42
N LYS C 83 28.79 -10.39 -4.17
CA LYS C 83 29.28 -10.15 -2.79
C LYS C 83 28.22 -9.56 -1.88
N GLY C 84 28.32 -9.87 -0.60
CA GLY C 84 27.54 -9.21 0.42
C GLY C 84 27.95 -7.76 0.55
N MET C 85 27.19 -6.98 1.31
CA MET C 85 27.38 -5.57 1.42
C MET C 85 28.69 -5.21 2.18
N ALA C 86 29.14 -6.10 3.09
CA ALA C 86 30.37 -5.87 3.90
C ALA C 86 31.30 -7.06 3.70
N PRO C 87 31.88 -7.17 2.50
CA PRO C 87 32.60 -8.37 2.14
C PRO C 87 33.94 -8.61 2.84
N GLN C 88 34.42 -7.66 3.64
CA GLN C 88 35.63 -7.85 4.41
C GLN C 88 35.35 -8.03 5.90
N ALA C 89 34.08 -8.03 6.28
CA ALA C 89 33.70 -8.37 7.65
C ALA C 89 33.84 -9.86 7.84
N ASN C 90 34.10 -10.28 9.08
CA ASN C 90 34.21 -11.69 9.39
C ASN C 90 32.91 -12.17 9.96
N LEU C 91 32.70 -13.49 9.94
CA LEU C 91 31.40 -14.11 10.26
C LEU C 91 31.42 -15.00 11.49
N VAL C 92 30.48 -14.75 12.39
CA VAL C 92 30.11 -15.73 13.39
C VAL C 92 28.80 -16.36 12.92
N PHE C 93 28.78 -17.69 12.74
CA PHE C 93 27.59 -18.35 12.30
C PHE C 93 27.04 -19.34 13.33
N GLN C 94 25.81 -19.10 13.77
CA GLN C 94 25.09 -19.98 14.67
C GLN C 94 24.05 -20.77 13.92
N SER C 95 24.31 -22.06 13.73
CA SER C 95 23.40 -22.96 13.03
C SER C 95 22.29 -23.41 13.97
N ILE C 96 21.05 -22.99 13.68
CA ILE C 96 19.93 -23.22 14.58
C ILE C 96 18.91 -24.21 14.01
N MET C 97 19.15 -24.75 12.83
CA MET C 97 18.20 -25.70 12.26
C MET C 97 18.32 -27.02 13.00
N ASP C 98 17.18 -27.59 13.37
CA ASP C 98 17.13 -28.87 14.08
C ASP C 98 16.95 -30.00 13.04
N SER C 99 17.00 -31.25 13.52
CA SER C 99 16.92 -32.40 12.62
C SER C 99 15.54 -32.54 11.97
N GLY C 100 14.52 -31.90 12.53
CA GLY C 100 13.19 -31.84 11.92
C GLY C 100 13.06 -30.79 10.82
N GLY C 101 14.09 -29.98 10.62
CA GLY C 101 14.06 -28.92 9.60
C GLY C 101 13.57 -27.58 10.14
N GLY C 102 13.15 -27.51 11.39
CA GLY C 102 12.76 -26.23 12.03
C GLY C 102 13.97 -25.50 12.66
N LEU C 103 13.66 -24.45 13.43
CA LEU C 103 14.69 -23.61 14.04
C LEU C 103 14.81 -23.89 15.54
N GLY C 104 14.63 -25.16 15.91
CA GLY C 104 14.63 -25.58 17.32
C GLY C 104 15.96 -25.41 18.05
N GLY C 105 17.01 -25.11 17.33
CA GLY C 105 18.28 -24.78 17.94
C GLY C 105 18.31 -23.46 18.71
N LEU C 106 17.33 -22.58 18.50
CA LEU C 106 17.23 -21.37 19.29
C LEU C 106 16.98 -21.73 20.78
N PRO C 107 17.71 -21.12 21.73
CA PRO C 107 17.48 -21.40 23.14
C PRO C 107 16.21 -20.68 23.61
N ALA C 108 15.59 -21.14 24.71
CA ALA C 108 14.31 -20.54 25.14
C ALA C 108 14.55 -19.12 25.54
N ASN C 109 15.72 -18.85 26.10
CA ASN C 109 16.14 -17.49 26.37
C ASN C 109 17.14 -16.98 25.31
N LEU C 110 16.69 -16.12 24.41
CA LEU C 110 17.53 -15.64 23.33
C LEU C 110 18.78 -14.91 23.79
N GLN C 111 18.80 -14.39 25.02
CA GLN C 111 20.02 -13.75 25.51
C GLN C 111 21.23 -14.69 25.46
N THR C 112 21.00 -15.98 25.65
CA THR C 112 22.04 -17.00 25.55
C THR C 112 22.61 -17.06 24.12
N LEU C 113 21.75 -16.91 23.13
CA LEU C 113 22.19 -16.87 21.74
C LEU C 113 23.07 -15.64 21.49
N PHE C 114 22.59 -14.48 21.90
CA PHE C 114 23.34 -13.25 21.64
C PHE C 114 24.66 -13.22 22.38
N SER C 115 24.66 -13.71 23.64
CA SER C 115 25.87 -13.64 24.44
CA SER C 115 25.85 -13.70 24.49
CA SER C 115 25.85 -13.71 24.50
C SER C 115 26.98 -14.55 23.91
N GLN C 116 26.61 -15.71 23.38
CA GLN C 116 27.61 -16.60 22.71
C GLN C 116 28.28 -15.84 21.56
N ALA C 117 27.46 -15.17 20.75
CA ALA C 117 27.99 -14.40 19.61
C ALA C 117 28.88 -13.25 20.10
N TYR C 118 28.43 -12.58 21.14
CA TYR C 118 29.11 -11.43 21.71
C TYR C 118 30.49 -11.84 22.21
N SER C 119 30.55 -12.92 22.99
CA SER C 119 31.82 -13.44 23.50
C SER C 119 32.74 -13.88 22.37
N ALA C 120 32.18 -14.35 21.25
CA ALA C 120 32.99 -14.72 20.09
C ALA C 120 33.52 -13.54 19.28
N GLY C 121 33.08 -12.31 19.63
CA GLY C 121 33.60 -11.10 19.02
C GLY C 121 32.59 -10.35 18.16
N ALA C 122 31.42 -10.92 17.92
CA ALA C 122 30.40 -10.23 17.12
C ALA C 122 29.83 -8.99 17.82
N ARG C 123 29.63 -7.92 17.08
CA ARG C 123 28.96 -6.70 17.61
C ARG C 123 27.68 -6.35 16.83
N ILE C 124 27.39 -7.15 15.82
CA ILE C 124 26.17 -7.04 15.03
C ILE C 124 25.62 -8.45 14.94
N HIS C 125 24.32 -8.59 15.10
CA HIS C 125 23.67 -9.91 15.10
C HIS C 125 22.38 -9.83 14.30
N THR C 126 22.26 -10.65 13.27
CA THR C 126 21.19 -10.54 12.30
C THR C 126 20.41 -11.83 12.17
N ASN C 127 19.10 -11.68 12.15
CA ASN C 127 18.17 -12.80 12.26
C ASN C 127 17.02 -12.72 11.29
N SER C 128 17.09 -13.56 10.25
CA SER C 128 16.04 -13.65 9.23
C SER C 128 14.99 -14.68 9.62
N TRP C 129 14.33 -14.44 10.75
CA TRP C 129 13.34 -15.40 11.29
C TRP C 129 12.40 -14.71 12.24
N GLY C 130 11.29 -15.38 12.53
CA GLY C 130 10.31 -14.87 13.45
C GLY C 130 9.09 -15.77 13.53
N ALA C 131 8.27 -15.52 14.53
CA ALA C 131 6.93 -16.13 14.66
C ALA C 131 5.88 -15.18 14.15
N PRO C 132 4.98 -15.67 13.26
CA PRO C 132 4.01 -14.72 12.70
C PRO C 132 2.84 -14.45 13.68
N VAL C 133 3.12 -13.65 14.71
CA VAL C 133 2.19 -13.36 15.77
C VAL C 133 1.55 -11.96 15.66
N ASN C 134 1.51 -11.40 14.45
CA ASN C 134 0.72 -10.20 14.16
C ASN C 134 0.90 -9.09 15.17
N GLY C 135 2.14 -8.71 15.37
CA GLY C 135 2.44 -7.56 16.14
C GLY C 135 2.61 -7.79 17.62
N ALA C 136 2.48 -9.03 18.10
CA ALA C 136 2.66 -9.30 19.52
C ALA C 136 4.10 -9.08 20.02
N TYR C 137 4.21 -8.57 21.24
CA TYR C 137 5.48 -8.40 21.92
C TYR C 137 5.66 -9.62 22.82
N THR C 138 6.54 -10.54 22.44
CA THR C 138 6.63 -11.82 23.12
C THR C 138 7.80 -11.81 24.08
N THR C 139 7.93 -12.91 24.82
CA THR C 139 9.11 -13.09 25.67
C THR C 139 10.41 -12.97 24.88
N ASP C 140 10.39 -13.42 23.62
CA ASP C 140 11.56 -13.28 22.76
C ASP C 140 11.83 -11.80 22.48
N SER C 141 10.78 -11.04 22.16
CA SER C 141 10.92 -9.60 21.91
C SER C 141 11.52 -8.93 23.14
N ARG C 142 11.03 -9.33 24.31
CA ARG C 142 11.48 -8.75 25.57
C ARG C 142 12.95 -9.03 25.83
N ASN C 143 13.36 -10.28 25.60
CA ASN C 143 14.77 -10.67 25.76
C ASN C 143 15.74 -9.92 24.82
N VAL C 144 15.30 -9.75 23.58
CA VAL C 144 16.02 -8.90 22.64
C VAL C 144 16.21 -7.51 23.21
N ASP C 145 15.13 -6.94 23.72
CA ASP C 145 15.17 -5.58 24.25
C ASP C 145 16.12 -5.45 25.45
N ASP C 146 16.01 -6.39 26.38
CA ASP C 146 16.88 -6.42 27.54
C ASP C 146 18.36 -6.52 27.12
N TYR C 147 18.66 -7.42 26.18
CA TYR C 147 20.03 -7.63 25.76
C TYR C 147 20.69 -6.40 25.09
N VAL C 148 19.97 -5.79 24.17
CA VAL C 148 20.46 -4.61 23.47
C VAL C 148 20.69 -3.47 24.43
N ARG C 149 19.81 -3.28 25.40
CA ARG C 149 19.98 -2.15 26.31
C ARG C 149 21.26 -2.30 27.14
N LYS C 150 21.60 -3.53 27.51
CA LYS C 150 22.75 -3.77 28.38
C LYS C 150 24.06 -3.93 27.64
N ASN C 151 24.03 -4.16 26.31
CA ASN C 151 25.27 -4.49 25.56
C ASN C 151 25.47 -3.74 24.25
N ASP C 152 26.71 -3.67 23.80
CA ASP C 152 27.04 -3.07 22.52
C ASP C 152 26.82 -4.08 21.34
N MET C 153 25.62 -4.60 21.22
CA MET C 153 25.25 -5.52 20.15
C MET C 153 24.06 -4.91 19.41
N THR C 154 24.25 -4.66 18.12
CA THR C 154 23.16 -4.17 17.29
C THR C 154 22.44 -5.37 16.74
N ILE C 155 21.17 -5.53 17.06
CA ILE C 155 20.41 -6.73 16.62
C ILE C 155 19.38 -6.37 15.53
N LEU C 156 19.37 -7.13 14.44
CA LEU C 156 18.40 -6.93 13.36
C LEU C 156 17.49 -8.14 13.25
N PHE C 157 16.23 -7.87 12.92
CA PHE C 157 15.23 -8.89 12.65
C PHE C 157 14.44 -8.56 11.40
N ALA C 158 14.10 -9.59 10.65
CA ALA C 158 13.11 -9.54 9.58
C ALA C 158 11.76 -9.06 10.11
N ALA C 159 11.04 -8.29 9.30
CA ALA C 159 9.76 -7.76 9.71
C ALA C 159 8.67 -8.83 9.66
N GLY C 160 8.89 -9.88 8.87
CA GLY C 160 7.84 -10.85 8.55
C GLY C 160 7.34 -10.74 7.11
N ASN C 161 6.69 -11.78 6.64
CA ASN C 161 6.17 -11.87 5.28
C ASN C 161 4.64 -12.05 5.28
N GLU C 162 3.93 -11.40 6.20
CA GLU C 162 2.51 -11.63 6.33
C GLU C 162 1.67 -10.45 5.84
N GLY C 163 2.28 -9.57 5.03
CA GLY C 163 1.60 -8.45 4.45
C GLY C 163 0.77 -8.87 3.24
N PRO C 164 0.07 -7.92 2.60
CA PRO C 164 0.19 -6.47 2.82
C PRO C 164 -0.74 -5.85 3.87
N GLY C 165 -1.55 -6.67 4.57
CA GLY C 165 -2.40 -6.16 5.63
C GLY C 165 -1.63 -5.59 6.82
N SER C 166 -2.24 -4.63 7.49
CA SER C 166 -1.59 -3.93 8.57
C SER C 166 -1.54 -4.84 9.79
N GLY C 167 -0.64 -4.57 10.72
CA GLY C 167 -0.61 -5.28 11.98
C GLY C 167 -0.01 -6.69 11.87
N THR C 168 0.90 -6.87 10.91
CA THR C 168 1.40 -8.23 10.57
C THR C 168 2.88 -8.48 10.89
N ILE C 169 3.48 -7.65 11.73
CA ILE C 169 4.91 -7.76 12.05
C ILE C 169 5.10 -9.03 12.92
N SER C 170 6.13 -9.81 12.59
CA SER C 170 6.51 -10.96 13.34
C SER C 170 7.36 -10.63 14.54
N ALA C 171 7.39 -11.54 15.49
CA ALA C 171 8.24 -11.43 16.68
C ALA C 171 9.46 -12.33 16.47
N PRO C 172 10.66 -11.89 16.86
CA PRO C 172 11.00 -10.68 17.62
C PRO C 172 11.18 -9.38 16.80
N GLY C 173 10.72 -9.37 15.56
CA GLY C 173 10.60 -8.11 14.80
C GLY C 173 9.86 -7.00 15.56
N THR C 174 8.97 -7.41 16.47
CA THR C 174 8.23 -6.48 17.30
C THR C 174 9.01 -5.83 18.43
N ALA C 175 10.23 -6.30 18.66
CA ALA C 175 11.11 -5.74 19.68
C ALA C 175 11.38 -4.26 19.47
N LYS C 176 11.36 -3.52 20.56
CA LYS C 176 11.59 -2.10 20.50
C LYS C 176 12.99 -1.72 20.09
N ASN C 177 13.97 -2.52 20.51
CA ASN C 177 15.37 -2.14 20.42
C ASN C 177 16.12 -2.81 19.26
N ALA C 178 15.45 -3.70 18.54
CA ALA C 178 16.01 -4.24 17.30
C ALA C 178 15.86 -3.23 16.16
N ILE C 179 16.69 -3.38 15.13
CA ILE C 179 16.42 -2.78 13.85
C ILE C 179 15.61 -3.79 13.03
N THR C 180 14.36 -3.44 12.78
CA THR C 180 13.46 -4.36 12.10
C THR C 180 13.36 -3.93 10.65
N VAL C 181 13.57 -4.89 9.74
CA VAL C 181 13.76 -4.63 8.33
C VAL C 181 12.65 -5.24 7.46
N GLY C 182 12.00 -4.40 6.68
CA GLY C 182 11.08 -4.84 5.62
C GLY C 182 11.73 -4.83 4.24
N ALA C 183 10.99 -5.37 3.28
CA ALA C 183 11.48 -5.57 1.94
C ALA C 183 10.84 -4.65 0.95
N THR C 184 11.69 -3.89 0.29
CA THR C 184 11.32 -3.28 -0.97
C THR C 184 11.79 -4.27 -2.04
N GLU C 185 11.59 -3.91 -3.29
CA GLU C 185 11.99 -4.73 -4.42
C GLU C 185 13.42 -4.46 -4.87
N ASN C 186 14.06 -5.53 -5.32
CA ASN C 186 15.27 -5.41 -6.11
C ASN C 186 14.91 -5.03 -7.55
N LEU C 187 15.88 -4.51 -8.29
CA LEU C 187 15.63 -4.12 -9.67
C LEU C 187 16.22 -5.18 -10.60
N ARG C 188 15.42 -6.20 -10.85
CA ARG C 188 15.73 -7.27 -11.80
C ARG C 188 14.47 -7.46 -12.65
N PRO C 189 14.19 -6.50 -13.53
CA PRO C 189 12.87 -6.41 -14.13
C PRO C 189 12.53 -7.53 -15.10
N SER C 190 13.53 -8.31 -15.53
CA SER C 190 13.26 -9.48 -16.34
C SER C 190 12.35 -10.49 -15.67
N PHE C 191 12.26 -10.44 -14.34
CA PHE C 191 11.37 -11.32 -13.63
C PHE C 191 9.93 -10.80 -13.54
N GLY C 192 9.72 -9.54 -13.86
CA GLY C 192 8.38 -8.96 -13.79
C GLY C 192 8.08 -8.20 -12.52
N SER C 193 6.83 -8.28 -12.07
CA SER C 193 6.30 -7.34 -11.08
C SER C 193 6.98 -7.41 -9.71
N TYR C 194 7.56 -8.56 -9.33
CA TYR C 194 8.21 -8.64 -8.01
C TYR C 194 9.57 -7.96 -7.92
N ALA C 195 10.12 -7.52 -9.04
CA ALA C 195 11.46 -6.88 -9.03
C ALA C 195 11.60 -5.77 -10.10
N ASP C 196 10.65 -4.85 -10.15
CA ASP C 196 10.62 -3.87 -11.25
C ASP C 196 10.72 -2.43 -10.84
N ASN C 197 10.75 -2.14 -9.55
CA ASN C 197 10.90 -0.77 -9.07
C ASN C 197 11.42 -0.77 -7.64
N ILE C 198 12.54 -0.08 -7.44
CA ILE C 198 13.19 0.01 -6.14
C ILE C 198 12.38 0.71 -5.06
N ASN C 199 11.36 1.48 -5.45
CA ASN C 199 10.45 2.12 -4.49
C ASN C 199 9.30 1.25 -4.01
N HIS C 200 9.03 0.14 -4.70
CA HIS C 200 7.90 -0.69 -4.34
C HIS C 200 8.17 -1.49 -3.09
N VAL C 201 7.20 -1.44 -2.18
CA VAL C 201 7.21 -2.34 -1.00
C VAL C 201 6.76 -3.71 -1.49
N ALA C 202 7.53 -4.73 -1.17
CA ALA C 202 7.20 -6.08 -1.60
C ALA C 202 5.84 -6.42 -1.02
N GLN C 203 5.01 -7.02 -1.86
CA GLN C 203 3.63 -7.26 -1.50
C GLN C 203 3.51 -8.09 -0.21
N PHE C 204 4.39 -9.06 0.01
CA PHE C 204 4.34 -9.92 1.23
C PHE C 204 4.96 -9.28 2.47
N SER C 205 5.70 -8.17 2.32
CA SER C 205 6.43 -7.61 3.45
C SER C 205 5.44 -7.25 4.55
N SER C 206 5.70 -7.68 5.79
CA SER C 206 4.78 -7.37 6.88
C SER C 206 4.71 -5.89 7.11
N ARG C 207 3.53 -5.44 7.55
CA ARG C 207 3.25 -4.02 7.73
C ARG C 207 2.97 -3.72 9.20
N GLY C 208 3.40 -2.55 9.65
CA GLY C 208 3.00 -2.06 10.97
C GLY C 208 1.53 -1.65 11.02
N PRO C 209 1.08 -1.11 12.16
CA PRO C 209 1.89 -0.92 13.35
C PRO C 209 1.97 -2.21 14.14
N THR C 210 2.74 -2.20 15.22
CA THR C 210 2.77 -3.31 16.14
C THR C 210 1.44 -3.33 16.94
N ARG C 211 1.24 -4.35 17.79
CA ARG C 211 -0.05 -4.47 18.53
C ARG C 211 -0.34 -3.23 19.34
N ASP C 212 0.69 -2.64 19.96
CA ASP C 212 0.56 -1.43 20.77
C ASP C 212 0.68 -0.12 19.97
N GLY C 213 0.60 -0.18 18.63
CA GLY C 213 0.61 1.04 17.81
C GLY C 213 1.96 1.65 17.40
N ARG C 214 3.06 0.93 17.61
CA ARG C 214 4.36 1.43 17.20
C ARG C 214 4.62 1.25 15.73
N ILE C 215 5.46 2.15 15.19
CA ILE C 215 5.88 2.09 13.81
C ILE C 215 6.96 1.01 13.67
N LYS C 216 6.61 -0.03 12.92
CA LYS C 216 7.56 -1.03 12.44
C LYS C 216 7.12 -1.35 11.01
N PRO C 217 8.03 -1.84 10.17
CA PRO C 217 9.45 -1.97 10.36
C PRO C 217 10.08 -0.58 10.50
N ASP C 218 11.35 -0.57 10.87
CA ASP C 218 12.10 0.66 11.02
C ASP C 218 12.63 1.14 9.67
N VAL C 219 13.24 0.23 8.90
CA VAL C 219 13.77 0.55 7.58
C VAL C 219 13.54 -0.56 6.59
N MET C 220 13.79 -0.26 5.32
CA MET C 220 13.57 -1.19 4.24
C MET C 220 14.86 -1.39 3.46
N ALA C 221 14.93 -2.53 2.78
CA ALA C 221 15.98 -2.83 1.82
C ALA C 221 15.46 -3.81 0.79
N PRO C 222 16.12 -3.91 -0.35
CA PRO C 222 15.67 -4.81 -1.38
C PRO C 222 15.64 -6.25 -0.85
N GLY C 223 14.56 -6.96 -1.15
CA GLY C 223 14.35 -8.31 -0.66
C GLY C 223 13.56 -9.21 -1.59
N THR C 224 13.54 -8.85 -2.87
CA THR C 224 13.02 -9.75 -3.89
C THR C 224 14.13 -10.08 -4.90
N TYR C 225 14.08 -11.28 -5.46
CA TYR C 225 15.09 -11.74 -6.42
C TYR C 225 16.50 -11.31 -6.06
N ILE C 226 16.90 -11.66 -4.84
CA ILE C 226 18.28 -11.41 -4.39
C ILE C 226 19.15 -12.61 -4.79
N LEU C 227 20.22 -12.35 -5.53
CA LEU C 227 21.13 -13.38 -6.03
C LEU C 227 22.31 -13.45 -5.05
N SER C 228 22.38 -14.55 -4.30
CA SER C 228 23.37 -14.70 -3.25
C SER C 228 23.85 -16.13 -3.22
N ALA C 229 24.65 -16.47 -2.22
CA ALA C 229 25.32 -17.77 -2.18
C ALA C 229 24.37 -18.95 -2.04
N ARG C 230 24.62 -19.98 -2.85
CA ARG C 230 23.80 -21.19 -2.90
C ARG C 230 24.56 -22.28 -2.18
N SER C 231 23.98 -22.78 -1.11
CA SER C 231 24.53 -23.93 -0.41
C SER C 231 24.67 -25.10 -1.38
N SER C 232 25.80 -25.78 -1.32
CA SER C 232 26.08 -26.91 -2.19
C SER C 232 25.15 -28.09 -1.90
N LEU C 233 24.43 -28.05 -0.79
CA LEU C 233 23.51 -29.11 -0.44
C LEU C 233 22.04 -28.79 -0.73
N ALA C 234 21.74 -27.55 -1.17
CA ALA C 234 20.35 -27.09 -1.20
C ALA C 234 19.66 -27.45 -2.52
N PRO C 235 18.40 -27.89 -2.47
CA PRO C 235 17.66 -28.20 -3.71
C PRO C 235 17.08 -26.95 -4.37
N ASP C 236 16.77 -27.05 -5.66
CA ASP C 236 16.12 -25.98 -6.40
C ASP C 236 14.87 -25.43 -5.70
N SER C 237 14.07 -26.30 -5.09
CA SER C 237 12.82 -25.90 -4.44
C SER C 237 13.02 -24.87 -3.31
N SER C 238 14.24 -24.75 -2.79
CA SER C 238 14.54 -23.75 -1.76
C SER C 238 14.68 -22.32 -2.28
N PHE C 239 14.68 -22.13 -3.60
CA PHE C 239 15.01 -20.85 -4.19
C PHE C 239 13.88 -20.36 -5.07
N TRP C 240 13.86 -19.06 -5.29
CA TRP C 240 12.93 -18.42 -6.23
C TRP C 240 13.24 -18.81 -7.67
N ALA C 241 14.54 -18.87 -7.98
CA ALA C 241 14.97 -19.27 -9.30
C ALA C 241 16.44 -19.65 -9.17
N ASN C 242 16.88 -20.53 -10.07
CA ASN C 242 18.26 -20.88 -10.17
C ASN C 242 19.08 -19.82 -10.89
N HIS C 243 20.38 -19.91 -10.72
CA HIS C 243 21.30 -19.18 -11.57
C HIS C 243 22.39 -20.16 -12.03
N ASP C 244 23.52 -20.25 -11.33
CA ASP C 244 24.58 -21.18 -11.69
C ASP C 244 24.65 -22.33 -10.68
N SER C 245 25.83 -22.89 -10.43
CA SER C 245 26.00 -23.95 -9.42
C SER C 245 26.25 -23.41 -8.01
N LYS C 246 26.69 -22.16 -7.92
CA LYS C 246 27.14 -21.58 -6.65
C LYS C 246 26.29 -20.41 -6.09
N TYR C 247 25.37 -19.88 -6.90
CA TYR C 247 24.50 -18.74 -6.48
C TYR C 247 23.06 -18.96 -6.97
N ALA C 248 22.08 -18.46 -6.21
CA ALA C 248 20.69 -18.55 -6.61
C ALA C 248 19.86 -17.42 -6.02
N TYR C 249 18.62 -17.27 -6.51
CA TYR C 249 17.78 -16.16 -6.14
C TYR C 249 16.80 -16.57 -5.04
N MET C 250 16.59 -15.67 -4.09
CA MET C 250 15.56 -15.87 -3.06
C MET C 250 14.94 -14.52 -2.79
N GLY C 251 13.77 -14.55 -2.14
CA GLY C 251 13.12 -13.35 -1.67
C GLY C 251 12.38 -13.52 -0.38
N GLY C 252 12.22 -12.41 0.31
CA GLY C 252 11.59 -12.35 1.62
C GLY C 252 12.20 -11.23 2.44
N THR C 253 11.56 -10.91 3.55
CA THR C 253 12.22 -10.05 4.54
C THR C 253 13.51 -10.72 5.06
N SER C 254 13.61 -12.05 4.93
CA SER C 254 14.89 -12.75 5.18
C SER C 254 16.08 -12.22 4.37
N MET C 255 15.83 -11.70 3.17
CA MET C 255 16.89 -11.25 2.26
C MET C 255 17.19 -9.77 2.47
N ALA C 256 16.18 -9.01 2.84
CA ALA C 256 16.38 -7.58 3.10
C ALA C 256 17.19 -7.35 4.38
N THR C 257 16.93 -8.17 5.38
CA THR C 257 17.56 -8.05 6.72
C THR C 257 19.10 -8.10 6.67
N PRO C 258 19.70 -9.15 6.06
CA PRO C 258 21.15 -9.27 5.98
C PRO C 258 21.84 -8.16 5.14
N ILE C 259 21.17 -7.65 4.13
CA ILE C 259 21.65 -6.51 3.38
C ILE C 259 21.88 -5.32 4.32
N VAL C 260 20.89 -5.02 5.15
CA VAL C 260 21.01 -3.94 6.13
C VAL C 260 22.06 -4.29 7.19
N ALA C 261 22.16 -5.55 7.58
CA ALA C 261 23.17 -5.94 8.60
C ALA C 261 24.57 -5.67 8.07
N GLY C 262 24.77 -5.96 6.79
CA GLY C 262 26.01 -5.59 6.14
C GLY C 262 26.27 -4.10 6.10
N ASN C 263 25.25 -3.33 5.72
CA ASN C 263 25.32 -1.88 5.79
C ASN C 263 25.70 -1.41 7.21
N VAL C 264 25.14 -2.05 8.21
CA VAL C 264 25.48 -1.74 9.62
C VAL C 264 26.96 -2.01 9.90
N ALA C 265 27.49 -3.10 9.38
CA ALA C 265 28.97 -3.34 9.49
C ALA C 265 29.81 -2.23 8.83
N GLN C 266 29.41 -1.79 7.65
CA GLN C 266 30.06 -0.69 6.95
C GLN C 266 30.01 0.60 7.75
N LEU C 267 28.82 0.93 8.25
CA LEU C 267 28.60 2.12 9.04
C LEU C 267 29.37 2.09 10.37
N ARG C 268 29.32 0.94 11.04
CA ARG C 268 30.07 0.77 12.29
C ARG C 268 31.57 0.94 12.08
N GLU C 269 32.10 0.32 11.04
CA GLU C 269 33.49 0.51 10.65
C GLU C 269 33.82 1.99 10.47
N HIS C 270 32.95 2.73 9.82
CA HIS C 270 33.18 4.14 9.58
C HIS C 270 33.28 4.91 10.88
N PHE C 271 32.34 4.71 11.79
CA PHE C 271 32.41 5.41 13.08
C PHE C 271 33.70 5.07 13.80
N VAL C 272 33.99 3.78 13.93
CA VAL C 272 35.12 3.31 14.69
C VAL C 272 36.49 3.73 14.08
N LYS C 273 36.67 3.56 12.79
CA LYS C 273 37.92 3.95 12.14
C LYS C 273 38.07 5.43 11.83
N ASN C 274 36.99 6.08 11.45
CA ASN C 274 37.09 7.41 10.87
C ASN C 274 36.47 8.50 11.69
N ARG C 275 35.71 8.14 12.72
CA ARG C 275 35.05 9.16 13.52
C ARG C 275 35.37 9.06 14.97
N GLY C 276 36.30 8.19 15.34
CA GLY C 276 36.78 8.11 16.73
C GLY C 276 35.78 7.71 17.79
N VAL C 277 34.72 7.01 17.43
CA VAL C 277 33.83 6.49 18.46
C VAL C 277 33.32 5.10 18.10
N THR C 278 32.99 4.32 19.12
CA THR C 278 32.27 3.08 18.94
C THR C 278 30.81 3.42 19.11
N PRO C 279 30.06 3.42 18.02
CA PRO C 279 28.70 3.90 18.10
C PRO C 279 27.81 2.89 18.80
N LYS C 280 26.95 3.37 19.68
CA LYS C 280 25.99 2.47 20.31
C LYS C 280 24.95 1.94 19.32
N PRO C 281 24.32 0.80 19.66
CA PRO C 281 23.22 0.29 18.83
C PRO C 281 22.19 1.34 18.51
N SER C 282 21.78 2.13 19.50
CA SER C 282 20.82 3.21 19.24
C SER C 282 21.28 4.22 18.21
N LEU C 283 22.59 4.53 18.18
CA LEU C 283 23.09 5.47 17.18
C LEU C 283 23.14 4.87 15.78
N LEU C 284 23.57 3.62 15.68
CA LEU C 284 23.59 2.97 14.37
C LEU C 284 22.16 2.98 13.79
N LYS C 285 21.18 2.71 14.64
CA LYS C 285 19.78 2.69 14.22
C LYS C 285 19.30 4.11 13.84
N ALA C 286 19.57 5.08 14.69
CA ALA C 286 19.19 6.48 14.42
C ALA C 286 19.81 6.96 13.12
N ALA C 287 21.07 6.62 12.90
CA ALA C 287 21.76 7.07 11.68
C ALA C 287 21.20 6.41 10.42
N LEU C 288 20.84 5.14 10.49
CA LEU C 288 20.13 4.48 9.36
C LEU C 288 18.79 5.12 9.11
N ILE C 289 18.07 5.43 10.17
CA ILE C 289 16.74 6.05 10.02
C ILE C 289 16.84 7.49 9.45
N ALA C 290 17.67 8.34 10.03
CA ALA C 290 17.85 9.68 9.47
C ALA C 290 18.27 9.67 8.00
N GLY C 291 19.11 8.72 7.60
CA GLY C 291 19.61 8.68 6.24
C GLY C 291 18.69 8.06 5.22
N ALA C 292 17.64 7.38 5.69
CA ALA C 292 16.77 6.58 4.83
C ALA C 292 15.91 7.47 3.91
N ALA C 293 15.50 6.88 2.79
CA ALA C 293 14.75 7.59 1.75
C ALA C 293 13.27 7.24 1.77
N ASP C 294 12.43 8.27 1.72
CA ASP C 294 11.00 8.11 1.48
C ASP C 294 10.84 7.47 0.11
N VAL C 295 10.19 6.30 0.03
CA VAL C 295 10.03 5.63 -1.25
C VAL C 295 8.93 6.29 -2.11
N GLY C 296 8.26 7.31 -1.54
CA GLY C 296 7.18 8.01 -2.21
C GLY C 296 5.85 7.94 -1.49
N LEU C 297 5.80 7.23 -0.36
CA LEU C 297 4.52 7.06 0.38
C LEU C 297 4.32 8.10 1.47
N GLY C 298 5.38 8.79 1.88
CA GLY C 298 5.30 9.77 2.98
C GLY C 298 5.37 9.08 4.32
N PHE C 299 5.46 9.89 5.37
CA PHE C 299 5.52 9.47 6.75
C PHE C 299 4.40 10.11 7.57
N PRO C 300 3.99 9.46 8.67
CA PRO C 300 4.43 8.14 9.10
C PRO C 300 3.79 7.07 8.24
N ASN C 301 4.28 5.84 8.33
CA ASN C 301 3.86 4.81 7.37
C ASN C 301 4.27 3.42 7.85
N GLY C 302 3.27 2.56 8.02
CA GLY C 302 3.49 1.17 8.42
C GLY C 302 3.95 0.26 7.30
N ASN C 303 3.90 0.73 6.05
CA ASN C 303 4.37 -0.08 4.91
C ASN C 303 5.88 0.03 4.65
N GLN C 304 6.41 1.25 4.70
CA GLN C 304 7.84 1.51 4.48
C GLN C 304 8.62 1.86 5.75
N GLY C 305 7.94 1.94 6.88
CA GLY C 305 8.62 2.38 8.11
C GLY C 305 9.21 3.78 7.89
N TRP C 306 10.50 3.96 8.22
CA TRP C 306 11.15 5.25 8.04
C TRP C 306 11.87 5.34 6.71
N GLY C 307 11.67 4.35 5.83
CA GLY C 307 12.17 4.39 4.48
C GLY C 307 13.28 3.40 4.15
N ARG C 308 13.83 3.56 2.96
CA ARG C 308 14.79 2.61 2.39
C ARG C 308 16.21 3.07 2.72
N VAL C 309 17.00 2.16 3.27
CA VAL C 309 18.41 2.42 3.60
C VAL C 309 19.15 3.10 2.45
N THR C 310 19.80 4.20 2.78
CA THR C 310 20.59 4.98 1.86
C THR C 310 21.88 5.28 2.62
N LEU C 311 22.85 4.38 2.50
CA LEU C 311 23.94 4.31 3.45
C LEU C 311 24.82 5.56 3.45
N ASP C 312 25.04 6.16 2.29
CA ASP C 312 25.95 7.29 2.22
C ASP C 312 25.46 8.48 3.01
N LYS C 313 24.14 8.68 3.10
CA LYS C 313 23.60 9.77 3.96
C LYS C 313 23.76 9.49 5.45
N SER C 314 23.87 8.23 5.82
CA SER C 314 24.05 7.84 7.22
C SER C 314 25.48 8.03 7.74
N LEU C 315 26.47 7.97 6.85
CA LEU C 315 27.87 7.88 7.28
C LEU C 315 28.33 9.07 8.12
N ASN C 316 27.97 10.28 7.69
CA ASN C 316 28.51 11.48 8.35
C ASN C 316 27.49 12.36 9.10
N VAL C 317 26.49 11.68 9.67
CA VAL C 317 25.51 12.32 10.51
C VAL C 317 26.20 13.04 11.65
N ALA C 318 25.66 14.19 12.04
CA ALA C 318 26.04 14.76 13.34
C ALA C 318 25.32 13.91 14.36
N PHE C 319 25.91 13.71 15.54
CA PHE C 319 25.37 12.72 16.45
C PHE C 319 25.59 13.00 17.92
N VAL C 320 24.74 12.35 18.72
CA VAL C 320 24.95 12.13 20.14
C VAL C 320 24.90 10.62 20.39
N ASN C 321 25.89 10.13 21.14
CA ASN C 321 26.11 8.69 21.31
C ASN C 321 25.90 8.25 22.77
N GLU C 322 24.67 8.36 23.26
CA GLU C 322 24.30 7.98 24.64
C GLU C 322 25.18 8.65 25.72
N THR C 323 25.58 9.89 25.49
CA THR C 323 26.43 10.62 26.41
C THR C 323 25.65 11.44 27.46
N SER C 324 24.32 11.48 27.39
CA SER C 324 23.48 12.14 28.40
C SER C 324 22.32 11.27 28.97
N PRO C 325 22.50 10.71 30.17
CA PRO C 325 21.46 9.94 30.84
C PRO C 325 20.41 10.87 31.46
N LEU C 326 19.13 10.53 31.28
CA LEU C 326 18.05 11.37 31.76
C LEU C 326 17.12 10.60 32.68
N SER C 327 16.67 11.32 33.71
CA SER C 327 15.62 10.86 34.60
C SER C 327 14.39 11.74 34.35
N THR C 328 13.27 11.31 34.88
CA THR C 328 11.99 11.95 34.65
C THR C 328 12.09 13.45 34.93
N SER C 329 11.54 14.20 33.97
CA SER C 329 11.43 15.65 33.96
C SER C 329 12.76 16.34 33.62
N GLN C 330 13.85 15.61 33.44
CA GLN C 330 15.08 16.23 32.96
C GLN C 330 15.04 16.43 31.44
N LYS C 331 15.99 17.19 30.92
CA LYS C 331 16.11 17.39 29.49
C LYS C 331 17.54 17.59 29.12
N ALA C 332 17.86 17.29 27.86
CA ALA C 332 19.17 17.53 27.30
C ALA C 332 18.93 18.44 26.10
N THR C 333 19.71 19.51 26.03
CA THR C 333 19.47 20.56 25.04
C THR C 333 20.71 20.74 24.22
N TYR C 334 20.55 20.73 22.91
CA TYR C 334 21.65 20.91 21.97
C TYR C 334 21.29 21.97 20.95
N SER C 335 22.31 22.47 20.28
CA SER C 335 22.18 23.40 19.18
C SER C 335 22.75 22.78 17.92
N PHE C 336 22.09 23.05 16.81
CA PHE C 336 22.56 22.58 15.53
C PHE C 336 22.42 23.72 14.51
N THR C 337 23.51 24.02 13.82
CA THR C 337 23.55 25.11 12.83
C THR C 337 23.08 24.62 11.47
N ALA C 338 21.98 25.21 10.97
CA ALA C 338 21.41 24.85 9.67
C ALA C 338 21.58 25.97 8.63
N GLN C 339 21.60 25.59 7.37
CA GLN C 339 21.50 26.54 6.24
C GLN C 339 20.36 26.19 5.32
N ALA C 340 19.50 27.18 5.01
CA ALA C 340 18.38 27.01 4.10
C ALA C 340 18.84 26.41 2.78
N GLY C 341 17.96 25.66 2.12
CA GLY C 341 18.21 25.16 0.75
C GLY C 341 18.41 23.65 0.61
N LYS C 342 18.40 22.92 1.73
CA LYS C 342 18.52 21.46 1.71
C LYS C 342 17.83 20.84 2.95
N PRO C 343 17.37 19.58 2.84
CA PRO C 343 16.55 19.07 3.97
C PRO C 343 17.31 18.90 5.27
N LEU C 344 16.56 18.89 6.37
CA LEU C 344 17.08 18.65 7.71
C LEU C 344 16.30 17.47 8.27
N LYS C 345 17.01 16.43 8.70
CA LYS C 345 16.38 15.25 9.30
C LYS C 345 17.03 14.93 10.64
N ILE C 346 16.23 14.87 11.70
CA ILE C 346 16.73 14.62 13.02
C ILE C 346 15.99 13.37 13.56
N SER C 347 16.77 12.39 14.01
CA SER C 347 16.24 11.16 14.57
C SER C 347 16.75 10.91 15.98
N LEU C 348 15.79 10.72 16.89
CA LEU C 348 16.01 10.34 18.28
C LEU C 348 15.67 8.87 18.43
N VAL C 349 16.64 8.09 18.91
CA VAL C 349 16.39 6.69 19.18
C VAL C 349 16.96 6.34 20.53
N TRP C 350 16.23 5.52 21.29
CA TRP C 350 16.79 4.99 22.51
C TRP C 350 16.54 3.49 22.67
N SER C 351 17.44 2.84 23.41
CA SER C 351 17.30 1.40 23.70
C SER C 351 16.54 1.33 25.02
N ASP C 352 15.24 1.09 24.90
CA ASP C 352 14.31 1.17 26.02
C ASP C 352 14.46 -0.04 26.94
N ALA C 353 14.06 0.17 28.19
CA ALA C 353 13.87 -0.93 29.12
C ALA C 353 12.92 -1.95 28.53
N PRO C 354 13.17 -3.22 28.80
CA PRO C 354 12.25 -4.23 28.25
C PRO C 354 10.82 -4.02 28.75
N GLY C 355 9.85 -4.20 27.87
CA GLY C 355 8.46 -3.97 28.22
C GLY C 355 7.79 -5.26 28.66
N SER C 356 6.53 -5.12 29.03
CA SER C 356 5.72 -6.24 29.49
C SER C 356 5.03 -6.88 28.30
N THR C 357 4.98 -8.22 28.29
CA THR C 357 4.25 -8.97 27.28
C THR C 357 2.71 -8.95 27.46
N THR C 358 2.22 -8.38 28.58
CA THR C 358 0.78 -8.33 28.84
C THR C 358 0.19 -6.91 28.85
N ALA C 359 1.02 -5.88 28.99
CA ALA C 359 0.50 -4.53 29.09
C ALA C 359 0.03 -4.02 27.75
N SER C 360 -0.89 -3.05 27.80
CA SER C 360 -1.38 -2.37 26.62
C SER C 360 -0.30 -1.70 25.80
N LEU C 361 0.71 -1.16 26.47
CA LEU C 361 1.77 -0.42 25.78
C LEU C 361 3.09 -1.05 26.17
N THR C 362 4.00 -1.26 25.20
CA THR C 362 5.31 -1.82 25.51
C THR C 362 6.31 -0.76 25.94
N LEU C 363 6.11 0.49 25.54
CA LEU C 363 7.09 1.52 25.90
C LEU C 363 7.18 1.63 27.42
N VAL C 364 8.40 1.67 27.94
CA VAL C 364 8.64 1.89 29.37
C VAL C 364 9.10 3.33 29.63
N ASN C 365 10.28 3.70 29.14
CA ASN C 365 10.79 5.04 29.24
C ASN C 365 10.36 5.91 28.05
N ASP C 366 9.62 6.98 28.33
CA ASP C 366 9.08 7.86 27.31
C ASP C 366 9.91 9.15 27.23
N LEU C 367 10.77 9.25 26.21
CA LEU C 367 11.48 10.51 25.89
C LEU C 367 10.73 11.20 24.78
N ASP C 368 10.84 12.53 24.67
CA ASP C 368 10.27 13.28 23.55
C ASP C 368 11.35 14.13 22.87
N LEU C 369 11.31 14.15 21.54
CA LEU C 369 12.15 15.05 20.76
C LEU C 369 11.36 16.34 20.56
N VAL C 370 12.00 17.47 20.87
CA VAL C 370 11.39 18.80 20.69
C VAL C 370 12.42 19.71 19.98
N ILE C 371 12.05 20.14 18.79
CA ILE C 371 12.90 20.93 17.92
C ILE C 371 12.31 22.36 17.87
N THR C 372 13.19 23.35 17.94
CA THR C 372 12.77 24.76 17.80
C THR C 372 13.58 25.40 16.66
N ALA C 373 12.88 25.88 15.64
CA ALA C 373 13.51 26.54 14.50
C ALA C 373 14.03 27.93 14.94
N PRO C 374 14.93 28.53 14.14
CA PRO C 374 15.46 29.87 14.48
C PRO C 374 14.37 30.95 14.67
N ASN C 375 13.23 30.83 14.01
CA ASN C 375 12.09 31.74 14.19
C ASN C 375 11.11 31.34 15.32
N GLY C 376 11.37 30.27 16.05
CA GLY C 376 10.55 29.89 17.19
C GLY C 376 9.55 28.80 16.89
N THR C 377 9.39 28.43 15.62
CA THR C 377 8.44 27.36 15.27
C THR C 377 8.89 26.05 15.94
N LYS C 378 7.94 25.38 16.61
CA LYS C 378 8.22 24.14 17.30
C LYS C 378 7.69 22.90 16.57
N TYR C 379 8.42 21.80 16.76
CA TYR C 379 8.09 20.50 16.20
C TYR C 379 8.36 19.48 17.28
N VAL C 380 7.44 18.56 17.48
CA VAL C 380 7.68 17.43 18.35
C VAL C 380 7.81 16.15 17.53
N GLY C 381 8.53 15.19 18.12
CA GLY C 381 8.89 13.97 17.39
C GLY C 381 7.67 13.27 16.84
N ASN C 382 7.76 12.88 15.58
CA ASN C 382 6.74 12.13 14.86
C ASN C 382 5.42 12.86 14.57
N ASP C 383 5.34 14.16 14.85
CA ASP C 383 4.16 14.93 14.46
C ASP C 383 4.34 15.47 13.04
N PHE C 384 3.72 14.79 12.08
CA PHE C 384 3.80 15.21 10.69
C PHE C 384 2.57 15.98 10.18
N THR C 385 1.72 16.46 11.09
CA THR C 385 0.54 17.24 10.71
C THR C 385 0.67 18.61 11.35
N ALA C 386 0.62 19.67 10.53
CA ALA C 386 0.71 21.04 11.06
C ALA C 386 -0.53 21.35 11.88
N PRO C 387 -0.39 22.08 12.98
CA PRO C 387 0.87 22.53 13.55
C PRO C 387 1.60 21.34 14.14
N TYR C 388 2.93 21.42 14.13
CA TYR C 388 3.81 20.25 14.33
C TYR C 388 4.20 20.01 15.78
N ASP C 389 3.63 20.80 16.67
CA ASP C 389 3.85 20.65 18.08
C ASP C 389 2.63 20.31 18.93
N ASN C 390 1.57 19.77 18.33
CA ASN C 390 0.39 19.48 19.11
C ASN C 390 0.09 18.01 19.32
N ASN C 391 0.79 17.12 18.64
CA ASN C 391 0.54 15.68 18.76
C ASN C 391 1.82 14.99 19.28
N TRP C 392 1.89 14.76 20.58
CA TRP C 392 3.09 14.20 21.20
C TRP C 392 3.06 12.66 21.13
N ASP C 393 4.21 12.06 20.98
CA ASP C 393 4.31 10.60 20.82
C ASP C 393 4.56 9.94 22.16
N GLY C 394 3.66 9.05 22.57
CA GLY C 394 3.82 8.27 23.80
C GLY C 394 3.93 6.76 23.63
N ARG C 395 4.34 6.31 22.44
CA ARG C 395 4.39 4.86 22.12
C ARG C 395 5.73 4.36 21.57
N ASN C 396 6.40 5.20 20.78
CA ASN C 396 7.60 4.81 20.01
C ASN C 396 8.88 5.17 20.71
N ASN C 397 9.93 4.40 20.50
CA ASN C 397 11.25 4.73 21.03
C ASN C 397 12.16 5.19 19.90
N VAL C 398 11.50 5.58 18.80
CA VAL C 398 12.07 6.32 17.69
C VAL C 398 11.17 7.56 17.49
N GLU C 399 11.78 8.74 17.51
CA GLU C 399 11.10 10.01 17.28
C GLU C 399 11.89 10.84 16.26
N ASN C 400 11.18 11.35 15.25
CA ASN C 400 11.76 12.00 14.11
C ASN C 400 11.16 13.37 13.89
N VAL C 401 12.01 14.29 13.50
CA VAL C 401 11.56 15.56 12.91
C VAL C 401 12.29 15.78 11.58
N PHE C 402 11.54 15.78 10.48
CA PHE C 402 12.08 15.90 9.14
C PHE C 402 11.53 17.19 8.51
N ILE C 403 12.41 18.15 8.23
CA ILE C 403 12.03 19.45 7.68
C ILE C 403 12.68 19.58 6.32
N ASN C 404 11.86 19.59 5.27
CA ASN C 404 12.37 19.58 3.90
C ASN C 404 13.04 20.92 3.56
N ALA C 405 12.47 22.02 4.05
CA ALA C 405 12.97 23.36 3.75
C ALA C 405 13.24 24.13 5.06
N PRO C 406 14.36 23.84 5.72
CA PRO C 406 14.64 24.52 6.98
C PRO C 406 15.05 26.00 6.80
N GLN C 407 15.10 26.70 7.91
CA GLN C 407 15.61 28.06 7.99
C GLN C 407 17.10 28.05 8.27
N SER C 408 17.78 29.12 7.88
CA SER C 408 19.15 29.35 8.30
C SER C 408 19.22 29.79 9.77
N GLY C 409 20.19 29.25 10.49
CA GLY C 409 20.41 29.67 11.88
C GLY C 409 20.46 28.49 12.81
N THR C 410 20.23 28.77 14.09
CA THR C 410 20.43 27.79 15.14
C THR C 410 19.14 27.09 15.46
N TYR C 411 19.08 25.76 15.20
CA TYR C 411 17.99 24.93 15.64
C TYR C 411 18.30 24.45 17.04
N THR C 412 17.30 24.47 17.93
CA THR C 412 17.42 23.83 19.25
C THR C 412 16.95 22.39 19.10
N VAL C 413 17.76 21.44 19.56
CA VAL C 413 17.44 20.00 19.51
C VAL C 413 17.41 19.51 20.93
N GLU C 414 16.20 19.31 21.45
CA GLU C 414 16.00 18.97 22.85
C GLU C 414 15.35 17.61 23.02
N VAL C 415 15.86 16.87 24.00
CA VAL C 415 15.31 15.57 24.34
C VAL C 415 14.78 15.74 25.75
N GLN C 416 13.48 15.57 25.89
CA GLN C 416 12.79 15.75 27.16
C GLN C 416 12.34 14.40 27.73
N ALA C 417 12.65 14.15 28.99
CA ALA C 417 12.30 12.90 29.64
C ALA C 417 10.93 13.00 30.30
N TYR C 418 9.91 12.69 29.53
CA TYR C 418 8.55 12.82 29.98
C TYR C 418 8.26 11.85 31.14
N ASN C 419 8.64 10.59 31.01
CA ASN C 419 8.42 9.62 32.10
C ASN C 419 9.44 8.51 32.00
N VAL C 420 10.31 8.39 32.99
CA VAL C 420 11.39 7.39 32.98
C VAL C 420 11.36 6.51 34.25
N PRO C 421 10.47 5.52 34.27
CA PRO C 421 10.37 4.64 35.45
C PRO C 421 11.56 3.75 35.69
N VAL C 422 12.27 3.37 34.62
CA VAL C 422 13.42 2.46 34.72
C VAL C 422 14.63 3.23 34.22
N GLY C 423 15.18 4.06 35.12
CA GLY C 423 16.14 5.07 34.74
C GLY C 423 17.51 4.79 35.23
N PRO C 424 18.48 5.64 34.83
CA PRO C 424 18.27 6.71 33.87
C PRO C 424 18.19 6.16 32.42
N GLN C 425 17.70 6.96 31.47
CA GLN C 425 17.64 6.54 30.09
C GLN C 425 18.57 7.42 29.22
N THR C 426 19.53 6.78 28.56
CA THR C 426 20.35 7.45 27.58
C THR C 426 19.66 7.30 26.20
N PHE C 427 20.20 7.99 25.21
CA PHE C 427 19.59 8.05 23.88
C PHE C 427 20.67 8.46 22.89
N SER C 428 20.38 8.27 21.60
CA SER C 428 21.24 8.75 20.55
C SER C 428 20.43 9.65 19.63
N LEU C 429 21.16 10.58 19.01
CA LEU C 429 20.62 11.47 18.01
C LEU C 429 21.44 11.33 16.75
N ALA C 430 20.78 11.37 15.59
CA ALA C 430 21.43 11.46 14.31
C ALA C 430 20.78 12.52 13.47
N ILE C 431 21.61 13.39 12.87
CA ILE C 431 21.15 14.54 12.09
C ILE C 431 21.77 14.54 10.70
N VAL C 432 20.90 14.53 9.67
CA VAL C 432 21.33 14.63 8.29
C VAL C 432 20.97 16.03 7.85
N HIS C 433 21.94 16.73 7.28
CA HIS C 433 21.70 18.07 6.72
C HIS C 433 22.80 18.37 5.71
N ARG D 6 -5.09 -21.26 -14.73
CA ARG D 6 -6.45 -20.72 -14.46
C ARG D 6 -6.76 -20.69 -12.96
N LYS D 10 -5.90 -17.74 -4.78
CA LYS D 10 -6.15 -17.94 -3.35
C LYS D 10 -4.84 -17.98 -2.55
N THR D 11 -4.62 -16.92 -1.78
CA THR D 11 -3.43 -16.80 -0.93
C THR D 11 -3.79 -16.77 0.56
N GLU D 12 -5.10 -16.81 0.85
CA GLU D 12 -5.62 -16.66 2.21
C GLU D 12 -6.80 -17.60 2.44
N TRP D 13 -7.05 -17.95 3.70
CA TRP D 13 -8.21 -18.79 4.06
C TRP D 13 -8.75 -18.40 5.43
N PRO D 14 -9.29 -17.17 5.54
CA PRO D 14 -9.77 -16.73 6.85
C PRO D 14 -10.89 -17.63 7.40
N GLU D 15 -11.60 -18.33 6.52
CA GLU D 15 -12.69 -19.23 6.91
C GLU D 15 -12.22 -20.46 7.68
N LEU D 16 -10.95 -20.84 7.56
CA LEU D 16 -10.47 -22.08 8.20
C LEU D 16 -10.03 -21.93 9.65
N VAL D 17 -10.03 -20.70 10.16
CA VAL D 17 -9.73 -20.47 11.58
C VAL D 17 -10.72 -21.25 12.45
N GLY D 18 -10.22 -21.98 13.43
CA GLY D 18 -11.07 -22.77 14.33
C GLY D 18 -11.30 -24.20 13.85
N LYS D 19 -11.01 -24.48 12.57
CA LYS D 19 -11.21 -25.84 12.04
C LYS D 19 -10.12 -26.83 12.41
N SER D 20 -10.39 -28.10 12.14
CA SER D 20 -9.42 -29.17 12.32
C SER D 20 -8.35 -29.13 11.23
N VAL D 21 -7.25 -29.84 11.47
CA VAL D 21 -6.16 -29.95 10.51
C VAL D 21 -6.60 -30.65 9.22
N GLU D 22 -7.21 -31.82 9.36
CA GLU D 22 -7.73 -32.58 8.21
C GLU D 22 -8.68 -31.72 7.38
N GLU D 23 -9.55 -30.99 8.08
CA GLU D 23 -10.49 -30.05 7.48
C GLU D 23 -9.77 -28.94 6.67
N ALA D 24 -8.67 -28.42 7.23
CA ALA D 24 -7.88 -27.36 6.61
C ALA D 24 -7.08 -27.87 5.41
N LYS D 25 -6.44 -29.03 5.56
CA LYS D 25 -5.71 -29.63 4.45
C LYS D 25 -6.56 -29.77 3.21
N LYS D 26 -7.79 -30.31 3.37
CA LYS D 26 -8.66 -30.60 2.23
C LYS D 26 -9.00 -29.33 1.46
N VAL D 27 -9.48 -28.31 2.16
CA VAL D 27 -9.87 -27.06 1.50
C VAL D 27 -8.68 -26.46 0.75
N ILE D 28 -7.55 -26.39 1.45
CA ILE D 28 -6.33 -25.81 0.92
C ILE D 28 -5.90 -26.56 -0.33
N LEU D 29 -5.75 -27.87 -0.24
CA LEU D 29 -5.32 -28.67 -1.39
C LEU D 29 -6.32 -28.57 -2.57
N GLN D 30 -7.58 -28.27 -2.30
CA GLN D 30 -8.58 -28.06 -3.36
C GLN D 30 -8.34 -26.72 -4.07
N ASP D 31 -8.13 -25.65 -3.31
CA ASP D 31 -7.86 -24.32 -3.90
C ASP D 31 -6.49 -24.23 -4.55
N LYS D 32 -5.57 -25.08 -4.12
CA LYS D 32 -4.15 -24.99 -4.47
C LYS D 32 -3.55 -26.39 -4.41
N PRO D 33 -3.81 -27.20 -5.45
CA PRO D 33 -3.35 -28.59 -5.54
C PRO D 33 -1.90 -28.80 -5.10
N GLU D 34 -1.01 -27.92 -5.57
CA GLU D 34 0.44 -28.08 -5.35
C GLU D 34 0.94 -27.62 -3.95
N ALA D 35 0.05 -27.12 -3.10
CA ALA D 35 0.46 -26.54 -1.81
C ALA D 35 1.32 -27.51 -1.01
N GLN D 36 2.41 -27.00 -0.43
CA GLN D 36 3.27 -27.74 0.52
C GLN D 36 2.92 -27.32 1.94
N ILE D 37 2.22 -28.20 2.64
CA ILE D 37 1.63 -27.87 3.93
C ILE D 37 2.51 -28.35 5.07
N ILE D 38 2.79 -27.44 6.01
CA ILE D 38 3.58 -27.72 7.22
C ILE D 38 2.69 -27.35 8.39
N VAL D 39 2.59 -28.25 9.37
CA VAL D 39 1.75 -28.01 10.55
C VAL D 39 2.64 -27.72 11.76
N LEU D 40 2.40 -26.61 12.43
CA LEU D 40 3.25 -26.19 13.54
C LEU D 40 2.40 -25.62 14.64
N PRO D 41 2.86 -25.74 15.90
CA PRO D 41 2.17 -25.05 16.99
C PRO D 41 2.21 -23.51 16.79
N VAL D 42 1.12 -22.83 17.14
CA VAL D 42 1.05 -21.39 17.05
C VAL D 42 2.20 -20.75 17.84
N GLY D 43 2.79 -19.70 17.25
CA GLY D 43 3.90 -19.03 17.91
C GLY D 43 5.26 -19.62 17.58
N THR D 44 5.32 -20.65 16.77
CA THR D 44 6.60 -21.26 16.37
C THR D 44 7.41 -20.29 15.51
N ILE D 45 8.70 -20.19 15.81
CA ILE D 45 9.62 -19.37 15.01
C ILE D 45 9.99 -20.08 13.71
N VAL D 46 9.88 -19.35 12.59
CA VAL D 46 10.20 -19.87 11.27
C VAL D 46 11.07 -18.90 10.46
N THR D 47 11.65 -19.43 9.38
CA THR D 47 12.45 -18.63 8.44
C THR D 47 11.55 -17.68 7.66
N MET D 48 12.08 -16.51 7.28
CA MET D 48 11.27 -15.46 6.66
C MET D 48 11.54 -15.26 5.18
N GLU D 49 11.78 -16.37 4.48
CA GLU D 49 11.76 -16.31 3.03
C GLU D 49 10.34 -16.60 2.55
N TYR D 50 9.99 -16.07 1.38
CA TYR D 50 8.64 -16.26 0.87
C TYR D 50 8.67 -17.40 -0.13
N ARG D 51 7.91 -18.45 0.16
CA ARG D 51 7.73 -19.58 -0.75
C ARG D 51 6.28 -19.64 -1.23
N ILE D 52 6.11 -19.43 -2.52
CA ILE D 52 4.78 -19.26 -3.09
C ILE D 52 3.93 -20.53 -2.97
N ASP D 53 4.58 -21.71 -3.03
CA ASP D 53 3.86 -22.99 -2.92
C ASP D 53 3.65 -23.47 -1.49
N ARG D 54 4.23 -22.79 -0.50
CA ARG D 54 4.16 -23.26 0.88
C ARG D 54 2.93 -22.72 1.57
N VAL D 55 2.32 -23.55 2.42
CA VAL D 55 1.27 -23.09 3.33
C VAL D 55 1.49 -23.70 4.71
N ARG D 56 1.93 -22.85 5.64
CA ARG D 56 2.08 -23.26 7.02
C ARG D 56 0.72 -23.15 7.73
N LEU D 57 0.37 -24.19 8.50
CA LEU D 57 -0.81 -24.17 9.33
C LEU D 57 -0.39 -24.11 10.78
N PHE D 58 -0.82 -23.08 11.49
CA PHE D 58 -0.43 -22.87 12.88
C PHE D 58 -1.60 -23.31 13.80
N VAL D 59 -1.37 -24.29 14.66
CA VAL D 59 -2.45 -24.87 15.49
C VAL D 59 -2.39 -24.53 16.98
N ASP D 60 -3.58 -24.47 17.62
CA ASP D 60 -3.63 -24.30 19.08
C ASP D 60 -3.32 -25.63 19.75
N LYS D 61 -3.46 -25.70 21.07
CA LYS D 61 -3.04 -26.89 21.83
C LYS D 61 -4.01 -28.05 21.70
N LEU D 62 -5.15 -27.80 21.04
CA LEU D 62 -6.16 -28.80 20.76
C LEU D 62 -6.15 -29.18 19.29
N ASP D 63 -5.09 -28.80 18.57
CA ASP D 63 -4.93 -29.12 17.14
C ASP D 63 -5.91 -28.41 16.20
N ASN D 64 -6.50 -27.29 16.62
CA ASN D 64 -7.36 -26.51 15.74
C ASN D 64 -6.62 -25.31 15.15
N ILE D 65 -7.01 -24.85 13.96
CA ILE D 65 -6.28 -23.76 13.28
C ILE D 65 -6.38 -22.50 14.12
N ALA D 66 -5.24 -21.91 14.48
CA ALA D 66 -5.21 -20.77 15.41
C ALA D 66 -5.15 -19.44 14.70
N GLU D 67 -4.72 -19.43 13.45
CA GLU D 67 -4.64 -18.18 12.71
C GLU D 67 -4.78 -18.39 11.21
N VAL D 68 -5.08 -17.29 10.52
CA VAL D 68 -5.48 -17.38 9.13
C VAL D 68 -4.33 -18.01 8.34
N PRO D 69 -4.57 -19.16 7.72
CA PRO D 69 -3.53 -19.70 6.86
C PRO D 69 -3.27 -18.76 5.67
N ARG D 70 -1.99 -18.55 5.34
CA ARG D 70 -1.56 -17.75 4.19
C ARG D 70 -0.50 -18.49 3.39
N VAL D 71 -0.48 -18.24 2.10
CA VAL D 71 0.64 -18.65 1.24
C VAL D 71 1.94 -17.94 1.69
N GLY D 72 3.07 -18.63 1.59
CA GLY D 72 4.39 -18.00 1.87
C GLY D 72 5.37 -18.87 2.63
N LYS E 1 -5.75 -10.73 -40.60
CA LYS E 1 -6.66 -10.19 -39.53
C LYS E 1 -6.85 -8.67 -39.66
N PRO E 2 -7.88 -8.12 -38.98
CA PRO E 2 -8.10 -6.67 -39.00
C PRO E 2 -7.01 -5.95 -38.24
N SER E 3 -6.56 -4.83 -38.80
CA SER E 3 -5.59 -3.98 -38.16
C SER E 3 -6.30 -2.93 -37.30
N LEU E 4 -5.76 -2.72 -36.10
CA LEU E 4 -6.23 -1.64 -35.25
C LEU E 4 -5.20 -0.50 -35.31
N LEU E 5 -5.67 0.72 -35.61
CA LEU E 5 -4.82 1.91 -35.66
C LEU E 5 -5.51 3.08 -34.99
CA CA F . 0.18 13.39 1.01
CA CA G . -10.27 -14.20 -18.38
CA CA H . 3.32 -15.31 -14.78
CA CA I . 6.70 -4.24 -8.41
CA CA J . 7.78 10.33 23.44
CA CA K . 0.20 18.08 14.52
#